data_7N7I
#
_entry.id   7N7I
#
_cell.length_a   85.943
_cell.length_b   85.943
_cell.length_c   111.718
_cell.angle_alpha   90.000
_cell.angle_beta   90.000
_cell.angle_gamma   120.000
#
_symmetry.space_group_name_H-M   'P 31'
#
loop_
_entity.id
_entity.type
_entity.pdbx_description
1 polymer 'Viperin-like enzyme'
2 non-polymer S-ADENOSYLMETHIONINE
3 non-polymer 'IRON/SULFUR CLUSTER'
4 non-polymer "URIDINE 5'-TRIPHOSPHATE"
#
_entity_poly.entity_id   1
_entity_poly.type   'polypeptide(L)'
_entity_poly.pdbx_seq_one_letter_code
;MHHHHHHSSGVDLGTENLYFQSMKDNQEAAAFGGRVRTGQVPVSVNYHFSRKCNKECLFCFHTATTSHVEKPENAKRGLT
LLKQAGMKKINFAGGEPFLYPKFLGEMIDFCKETLQLESVSIVTNGSLVKEQFLQKHGRNIDILAVSCDSFNEATNIKIG
RGSGDNVQKLYEIGSWCQKYDIKFKLNTVVNKFNHLEDMNDHLNALQPFRWKCFQVLIVTGENDSDKTLRNAHSLTISDD
EFDRFCERHSSQTCLVPEPNRLMAKSYLILDEYMRFLDRNGQQPSKSILEVGVQQALQAVFWDEEAFVERGGIYDWNKSS
CSSDSKDLEW
;
_entity_poly.pdbx_strand_id   A,B,C
#
# COMPACT_ATOMS: atom_id res chain seq x y z
N GLN A 40 8.33 -7.34 -3.13
CA GLN A 40 8.22 -8.72 -3.59
C GLN A 40 7.37 -8.81 -4.86
N VAL A 41 7.73 -9.72 -5.75
CA VAL A 41 7.07 -9.88 -7.05
C VAL A 41 6.39 -11.25 -7.07
N PRO A 42 5.06 -11.32 -7.20
CA PRO A 42 4.37 -12.61 -7.10
C PRO A 42 4.51 -13.47 -8.35
N VAL A 43 5.59 -14.24 -8.46
CA VAL A 43 5.85 -14.98 -9.70
C VAL A 43 4.86 -16.14 -9.85
N SER A 44 4.74 -16.99 -8.82
CA SER A 44 3.86 -18.15 -8.88
C SER A 44 2.76 -18.00 -7.84
N VAL A 45 1.51 -18.03 -8.30
CA VAL A 45 0.33 -17.80 -7.46
C VAL A 45 -0.58 -19.03 -7.51
N ASN A 46 -1.11 -19.39 -6.34
CA ASN A 46 -2.06 -20.49 -6.20
C ASN A 46 -3.43 -19.91 -5.89
N TYR A 47 -4.34 -19.97 -6.86
CA TYR A 47 -5.69 -19.42 -6.72
C TYR A 47 -6.63 -20.54 -6.28
N HIS A 48 -6.88 -20.60 -4.96
CA HIS A 48 -7.82 -21.55 -4.38
C HIS A 48 -9.24 -20.99 -4.49
N PHE A 49 -9.77 -21.03 -5.71
CA PHE A 49 -10.99 -20.29 -5.99
C PHE A 49 -12.21 -20.87 -5.29
N SER A 50 -12.18 -22.14 -4.91
CA SER A 50 -13.25 -22.71 -4.09
C SER A 50 -12.66 -23.64 -3.02
N ARG A 51 -13.38 -23.75 -1.91
CA ARG A 51 -13.04 -24.68 -0.84
C ARG A 51 -13.83 -25.98 -0.90
N LYS A 52 -14.81 -26.09 -1.78
CA LYS A 52 -15.73 -27.22 -1.81
C LYS A 52 -15.06 -28.44 -2.44
N CYS A 53 -15.42 -29.62 -1.94
CA CYS A 53 -14.81 -30.85 -2.42
C CYS A 53 -15.73 -32.04 -2.20
N ASN A 54 -15.43 -33.13 -2.91
CA ASN A 54 -16.18 -34.37 -2.83
C ASN A 54 -15.39 -35.50 -2.19
N LYS A 55 -14.15 -35.25 -1.76
CA LYS A 55 -13.34 -36.21 -1.02
C LYS A 55 -13.28 -35.79 0.44
N GLU A 56 -12.75 -36.69 1.29
CA GLU A 56 -12.61 -36.42 2.71
C GLU A 56 -11.27 -36.95 3.22
N CYS A 57 -10.18 -36.36 2.74
CA CYS A 57 -8.87 -36.68 3.27
C CYS A 57 -8.73 -36.16 4.69
N LEU A 58 -8.29 -37.03 5.61
CA LEU A 58 -8.27 -36.70 7.03
C LEU A 58 -7.34 -35.52 7.33
N PHE A 59 -6.34 -35.27 6.49
CA PHE A 59 -5.33 -34.25 6.75
C PHE A 59 -5.57 -32.94 6.00
N CYS A 60 -6.74 -32.76 5.36
CA CYS A 60 -6.98 -31.60 4.51
C CYS A 60 -6.62 -30.30 5.22
N PHE A 61 -5.71 -29.53 4.59
CA PHE A 61 -5.30 -28.23 5.11
C PHE A 61 -5.83 -27.05 4.28
N HIS A 62 -6.91 -27.28 3.50
CA HIS A 62 -7.71 -26.22 2.86
C HIS A 62 -9.18 -26.67 2.89
N THR A 63 -9.74 -26.70 4.09
CA THR A 63 -11.04 -27.33 4.30
C THR A 63 -12.17 -26.47 3.75
N ALA A 64 -13.34 -27.11 3.57
CA ALA A 64 -14.53 -26.46 3.04
C ALA A 64 -15.23 -25.66 4.15
N THR A 65 -14.58 -24.56 4.54
CA THR A 65 -15.14 -23.68 5.55
C THR A 65 -16.21 -22.75 4.98
N THR A 66 -16.18 -22.47 3.68
CA THR A 66 -17.17 -21.62 3.04
C THR A 66 -17.38 -22.11 1.62
N SER A 67 -18.51 -21.73 1.03
CA SER A 67 -18.88 -22.13 -0.32
C SER A 67 -18.88 -20.96 -1.30
N HIS A 68 -18.16 -19.89 -0.99
CA HIS A 68 -18.06 -18.75 -1.87
C HIS A 68 -17.14 -19.02 -3.05
N VAL A 69 -17.59 -18.60 -4.24
CA VAL A 69 -16.76 -18.58 -5.44
C VAL A 69 -17.00 -17.25 -6.13
N GLU A 70 -15.94 -16.69 -6.70
CA GLU A 70 -16.01 -15.34 -7.26
C GLU A 70 -16.75 -15.34 -8.59
N LYS A 71 -17.32 -14.17 -8.91
CA LYS A 71 -17.87 -13.97 -10.24
C LYS A 71 -16.73 -14.00 -11.25
N PRO A 72 -16.95 -14.58 -12.44
CA PRO A 72 -15.88 -14.57 -13.45
C PRO A 72 -15.48 -13.16 -13.87
N GLU A 73 -16.33 -12.16 -13.66
CA GLU A 73 -15.93 -10.77 -13.90
C GLU A 73 -14.89 -10.31 -12.88
N ASN A 74 -15.09 -10.63 -11.61
CA ASN A 74 -14.15 -10.18 -10.58
C ASN A 74 -12.86 -10.99 -10.63
N ALA A 75 -12.96 -12.27 -10.98
CA ALA A 75 -11.76 -13.09 -11.13
C ALA A 75 -10.89 -12.64 -12.28
N LYS A 76 -11.49 -12.16 -13.36
CA LYS A 76 -10.72 -11.62 -14.46
C LYS A 76 -10.07 -10.28 -14.08
N ARG A 77 -10.66 -9.54 -13.15
CA ARG A 77 -9.96 -8.39 -12.56
C ARG A 77 -8.68 -8.83 -11.86
N GLY A 78 -8.81 -9.72 -10.87
CA GLY A 78 -7.67 -10.07 -10.04
C GLY A 78 -6.53 -10.70 -10.82
N LEU A 79 -6.84 -11.61 -11.73
CA LEU A 79 -5.79 -12.27 -12.50
C LEU A 79 -5.12 -11.29 -13.47
N THR A 80 -5.88 -10.38 -14.05
CA THR A 80 -5.26 -9.33 -14.87
C THR A 80 -4.46 -8.37 -14.00
N LEU A 81 -5.02 -8.00 -12.84
CA LEU A 81 -4.29 -7.16 -11.89
C LEU A 81 -3.01 -7.85 -11.43
N LEU A 82 -3.05 -9.18 -11.30
CA LEU A 82 -1.90 -9.94 -10.83
C LEU A 82 -0.89 -10.20 -11.94
N LYS A 83 -1.34 -10.24 -13.20
CA LYS A 83 -0.43 -10.40 -14.33
C LYS A 83 0.51 -9.21 -14.44
N GLN A 84 -0.02 -7.99 -14.41
CA GLN A 84 0.83 -6.81 -14.52
C GLN A 84 1.74 -6.68 -13.30
N ALA A 85 1.32 -7.21 -12.15
CA ALA A 85 2.16 -7.18 -10.96
C ALA A 85 3.39 -8.07 -11.08
N GLY A 86 3.39 -9.02 -12.01
CA GLY A 86 4.55 -9.87 -12.21
C GLY A 86 4.26 -11.36 -12.24
N MET A 87 2.99 -11.75 -12.09
CA MET A 87 2.65 -13.17 -12.11
C MET A 87 2.99 -13.81 -13.44
N LYS A 88 3.68 -14.96 -13.39
CA LYS A 88 3.96 -15.74 -14.57
C LYS A 88 3.36 -17.14 -14.56
N LYS A 89 3.27 -17.81 -13.41
CA LYS A 89 2.57 -19.08 -13.32
C LYS A 89 1.37 -18.94 -12.41
N ILE A 90 0.23 -19.45 -12.86
CA ILE A 90 -0.99 -19.54 -12.05
C ILE A 90 -1.27 -21.01 -11.77
N ASN A 91 -1.70 -21.30 -10.55
CA ASN A 91 -2.07 -22.65 -10.16
C ASN A 91 -3.49 -22.64 -9.64
N PHE A 92 -4.40 -23.31 -10.35
CA PHE A 92 -5.81 -23.40 -9.96
C PHE A 92 -5.97 -24.58 -9.01
N ALA A 93 -6.07 -24.29 -7.71
CA ALA A 93 -6.26 -25.32 -6.70
C ALA A 93 -7.51 -25.02 -5.88
N GLY A 94 -7.50 -25.36 -4.61
CA GLY A 94 -8.60 -25.00 -3.73
C GLY A 94 -9.10 -26.17 -2.91
N GLY A 95 -10.42 -26.37 -2.94
CA GLY A 95 -10.97 -27.66 -2.62
C GLY A 95 -10.80 -28.52 -3.85
N GLU A 96 -11.89 -28.77 -4.59
CA GLU A 96 -11.78 -29.49 -5.84
C GLU A 96 -12.15 -28.56 -6.99
N PRO A 97 -11.22 -28.28 -7.91
CA PRO A 97 -11.51 -27.30 -8.96
C PRO A 97 -12.43 -27.83 -10.05
N PHE A 98 -12.42 -29.15 -10.28
CA PHE A 98 -13.30 -29.71 -11.30
C PHE A 98 -14.74 -29.86 -10.85
N LEU A 99 -15.05 -29.53 -9.59
CA LEU A 99 -16.44 -29.33 -9.21
C LEU A 99 -17.04 -28.10 -9.87
N TYR A 100 -16.19 -27.17 -10.33
CA TYR A 100 -16.60 -25.96 -11.05
C TYR A 100 -15.96 -25.94 -12.42
N PRO A 101 -16.34 -26.88 -13.31
CA PRO A 101 -15.64 -26.96 -14.61
C PRO A 101 -15.89 -25.79 -15.54
N LYS A 102 -17.02 -25.08 -15.43
CA LYS A 102 -17.25 -23.92 -16.28
C LYS A 102 -16.38 -22.74 -15.86
N PHE A 103 -16.35 -22.44 -14.56
CA PHE A 103 -15.47 -21.40 -14.05
C PHE A 103 -14.01 -21.70 -14.39
N LEU A 104 -13.56 -22.90 -14.04
CA LEU A 104 -12.19 -23.33 -14.36
C LEU A 104 -11.90 -23.19 -15.85
N GLY A 105 -12.85 -23.60 -16.70
CA GLY A 105 -12.64 -23.50 -18.13
C GLY A 105 -12.54 -22.08 -18.64
N GLU A 106 -13.38 -21.17 -18.09
CA GLU A 106 -13.34 -19.78 -18.52
C GLU A 106 -12.03 -19.11 -18.09
N MET A 107 -11.55 -19.41 -16.88
CA MET A 107 -10.36 -18.73 -16.37
C MET A 107 -9.10 -19.19 -17.11
N ILE A 108 -8.91 -20.51 -17.24
CA ILE A 108 -7.69 -20.99 -17.86
C ILE A 108 -7.61 -20.57 -19.33
N ASP A 109 -8.76 -20.38 -19.98
CA ASP A 109 -8.75 -19.76 -21.30
C ASP A 109 -8.37 -18.28 -21.22
N PHE A 110 -8.91 -17.58 -20.23
CA PHE A 110 -8.57 -16.17 -20.05
C PHE A 110 -7.10 -16.00 -19.66
N CYS A 111 -6.61 -16.84 -18.75
CA CYS A 111 -5.22 -16.73 -18.28
C CYS A 111 -4.23 -16.92 -19.42
N LYS A 112 -4.53 -17.84 -20.34
CA LYS A 112 -3.60 -18.15 -21.43
C LYS A 112 -3.76 -17.21 -22.62
N GLU A 113 -4.97 -17.17 -23.20
CA GLU A 113 -5.16 -16.49 -24.48
C GLU A 113 -4.98 -14.98 -24.35
N THR A 114 -5.64 -14.36 -23.39
CA THR A 114 -5.61 -12.90 -23.27
C THR A 114 -4.55 -12.38 -22.31
N LEU A 115 -4.26 -13.11 -21.22
CA LEU A 115 -3.23 -12.68 -20.28
C LEU A 115 -1.81 -13.07 -20.71
N GLN A 116 -1.68 -13.98 -21.67
CA GLN A 116 -0.36 -14.39 -22.17
C GLN A 116 0.55 -14.88 -21.05
N LEU A 117 -0.01 -15.69 -20.16
CA LEU A 117 0.71 -16.12 -18.96
C LEU A 117 1.69 -17.24 -19.29
N GLU A 118 2.81 -17.25 -18.56
CA GLU A 118 3.89 -18.19 -18.83
C GLU A 118 3.42 -19.63 -18.69
N SER A 119 2.74 -19.95 -17.60
CA SER A 119 2.33 -21.31 -17.30
C SER A 119 1.01 -21.30 -16.54
N VAL A 120 0.05 -22.11 -16.98
CA VAL A 120 -1.22 -22.30 -16.31
C VAL A 120 -1.26 -23.73 -15.76
N SER A 121 -1.46 -23.87 -14.46
CA SER A 121 -1.50 -25.16 -13.80
C SER A 121 -2.87 -25.44 -13.18
N ILE A 122 -3.15 -26.72 -12.93
CA ILE A 122 -4.32 -27.17 -12.20
C ILE A 122 -3.91 -28.34 -11.30
N VAL A 123 -4.47 -28.39 -10.11
CA VAL A 123 -4.22 -29.50 -9.18
C VAL A 123 -5.56 -30.19 -8.90
N THR A 124 -5.62 -31.49 -9.17
CA THR A 124 -6.85 -32.25 -9.07
C THR A 124 -6.63 -33.52 -8.27
N ASN A 125 -7.71 -34.02 -7.66
CA ASN A 125 -7.70 -35.36 -7.10
C ASN A 125 -7.94 -36.44 -8.15
N GLY A 126 -8.50 -36.08 -9.30
CA GLY A 126 -8.59 -36.98 -10.43
C GLY A 126 -9.97 -37.59 -10.66
N SER A 127 -10.83 -37.58 -9.65
CA SER A 127 -12.12 -38.27 -9.76
C SER A 127 -12.96 -37.69 -10.89
N LEU A 128 -13.08 -36.37 -10.95
CA LEU A 128 -14.02 -35.70 -11.84
C LEU A 128 -13.40 -35.24 -13.16
N VAL A 129 -12.12 -35.55 -13.41
CA VAL A 129 -11.49 -35.14 -14.66
C VAL A 129 -12.06 -35.98 -15.80
N LYS A 130 -12.42 -35.32 -16.90
CA LYS A 130 -12.97 -36.00 -18.05
C LYS A 130 -12.29 -35.52 -19.33
N GLU A 131 -12.26 -36.40 -20.33
CA GLU A 131 -11.48 -36.13 -21.53
C GLU A 131 -12.04 -34.95 -22.32
N GLN A 132 -13.37 -34.83 -22.40
CA GLN A 132 -13.96 -33.72 -23.15
C GLN A 132 -13.53 -32.36 -22.61
N PHE A 133 -13.20 -32.29 -21.31
CA PHE A 133 -12.67 -31.05 -20.76
C PHE A 133 -11.30 -30.74 -21.35
N LEU A 134 -10.44 -31.76 -21.46
CA LEU A 134 -9.12 -31.57 -22.05
C LEU A 134 -9.19 -31.39 -23.56
N GLN A 135 -10.28 -31.78 -24.21
CA GLN A 135 -10.49 -31.44 -25.60
C GLN A 135 -10.71 -29.94 -25.77
N LYS A 136 -11.65 -29.38 -25.01
CA LYS A 136 -11.97 -27.96 -25.14
C LYS A 136 -10.79 -27.08 -24.75
N HIS A 137 -10.24 -27.30 -23.56
CA HIS A 137 -9.31 -26.35 -22.95
C HIS A 137 -7.86 -26.84 -22.89
N GLY A 138 -7.58 -28.08 -23.29
CA GLY A 138 -6.24 -28.62 -23.11
C GLY A 138 -5.17 -27.83 -23.82
N ARG A 139 -5.53 -27.13 -24.90
CA ARG A 139 -4.62 -26.21 -25.56
C ARG A 139 -4.07 -25.15 -24.61
N ASN A 140 -4.83 -24.79 -23.58
CA ASN A 140 -4.45 -23.74 -22.65
C ASN A 140 -3.99 -24.24 -21.30
N ILE A 141 -4.00 -25.55 -21.07
CA ILE A 141 -3.43 -26.13 -19.86
C ILE A 141 -1.97 -26.47 -20.13
N ASP A 142 -1.07 -25.98 -19.29
CA ASP A 142 0.35 -26.23 -19.43
C ASP A 142 0.83 -27.35 -18.52
N ILE A 143 0.31 -27.41 -17.29
CA ILE A 143 0.65 -28.46 -16.33
C ILE A 143 -0.64 -28.93 -15.68
N LEU A 144 -0.85 -30.24 -15.66
CA LEU A 144 -1.95 -30.84 -14.92
C LEU A 144 -1.36 -31.70 -13.80
N ALA A 145 -1.77 -31.42 -12.57
CA ALA A 145 -1.19 -32.07 -11.40
C ALA A 145 -2.26 -32.93 -10.75
N VAL A 146 -2.16 -34.24 -10.93
CA VAL A 146 -3.05 -35.18 -10.25
C VAL A 146 -2.37 -35.64 -8.97
N SER A 147 -3.07 -35.51 -7.85
CA SER A 147 -2.54 -35.90 -6.55
C SER A 147 -3.15 -37.23 -6.11
N CYS A 148 -2.31 -38.25 -5.97
CA CYS A 148 -2.70 -39.53 -5.39
C CYS A 148 -1.71 -39.89 -4.28
N ASP A 149 -2.25 -40.27 -3.12
CA ASP A 149 -1.41 -40.53 -1.96
C ASP A 149 -1.01 -41.99 -1.81
N SER A 150 -1.72 -42.91 -2.46
CA SER A 150 -1.34 -44.32 -2.42
C SER A 150 -1.90 -45.00 -3.65
N PHE A 151 -1.35 -46.18 -3.93
CA PHE A 151 -1.86 -47.06 -4.98
C PHE A 151 -2.63 -48.25 -4.41
N ASN A 152 -2.65 -48.41 -3.09
CA ASN A 152 -3.55 -49.35 -2.45
C ASN A 152 -4.92 -48.72 -2.26
N GLU A 153 -5.97 -49.42 -2.68
CA GLU A 153 -7.32 -48.96 -2.38
C GLU A 153 -7.61 -49.01 -0.89
N ALA A 154 -6.95 -49.92 -0.17
CA ALA A 154 -7.11 -49.97 1.28
C ALA A 154 -6.53 -48.73 1.95
N THR A 155 -5.35 -48.29 1.52
CA THR A 155 -4.73 -47.11 2.11
C THR A 155 -5.54 -45.86 1.77
N ASN A 156 -5.97 -45.73 0.51
CA ASN A 156 -6.78 -44.59 0.12
C ASN A 156 -8.04 -44.48 0.97
N ILE A 157 -8.64 -45.63 1.34
CA ILE A 157 -9.83 -45.63 2.19
C ILE A 157 -9.50 -45.04 3.56
N LYS A 158 -8.40 -45.49 4.17
CA LYS A 158 -8.01 -44.97 5.48
C LYS A 158 -7.68 -43.49 5.43
N ILE A 159 -7.06 -43.04 4.34
CA ILE A 159 -6.72 -41.62 4.23
C ILE A 159 -7.96 -40.80 3.93
N GLY A 160 -8.86 -41.34 3.10
CA GLY A 160 -10.10 -40.63 2.80
C GLY A 160 -10.49 -40.55 1.34
N ARG A 161 -10.02 -41.51 0.54
CA ARG A 161 -10.40 -41.61 -0.87
C ARG A 161 -11.04 -42.99 -1.07
N GLY A 162 -12.35 -43.00 -1.27
CA GLY A 162 -13.10 -44.26 -1.15
C GLY A 162 -12.79 -45.26 -2.26
N SER A 163 -12.80 -44.80 -3.51
CA SER A 163 -12.65 -45.67 -4.68
C SER A 163 -13.74 -46.73 -4.69
N ASN A 166 -10.11 -45.32 -8.67
CA ASN A 166 -8.90 -45.97 -8.19
C ASN A 166 -7.65 -45.38 -8.86
N VAL A 167 -6.67 -46.25 -9.15
CA VAL A 167 -5.45 -45.79 -9.80
C VAL A 167 -5.53 -45.88 -11.32
N GLN A 168 -6.46 -46.68 -11.87
CA GLN A 168 -6.68 -46.69 -13.31
C GLN A 168 -7.03 -45.30 -13.83
N LYS A 169 -7.75 -44.51 -13.04
CA LYS A 169 -8.03 -43.12 -13.39
C LYS A 169 -6.75 -42.33 -13.56
N LEU A 170 -5.80 -42.50 -12.64
CA LEU A 170 -4.54 -41.77 -12.72
C LEU A 170 -3.80 -42.09 -14.01
N TYR A 171 -3.66 -43.37 -14.34
CA TYR A 171 -3.02 -43.74 -15.61
C TYR A 171 -3.79 -43.18 -16.80
N GLU A 172 -5.11 -43.07 -16.68
CA GLU A 172 -5.93 -42.53 -17.76
C GLU A 172 -5.62 -41.06 -18.02
N ILE A 173 -5.54 -40.26 -16.94
CA ILE A 173 -5.26 -38.83 -17.10
C ILE A 173 -3.90 -38.62 -17.75
N GLY A 174 -2.91 -39.45 -17.37
CA GLY A 174 -1.63 -39.41 -18.03
C GLY A 174 -1.74 -39.66 -19.52
N SER A 175 -2.54 -40.66 -19.91
CA SER A 175 -2.78 -40.91 -21.33
C SER A 175 -3.37 -39.69 -22.01
N TRP A 176 -4.35 -39.05 -21.37
CA TRP A 176 -4.95 -37.84 -21.93
C TRP A 176 -3.92 -36.73 -22.06
N CYS A 177 -3.07 -36.56 -21.04
CA CYS A 177 -2.07 -35.51 -21.07
C CYS A 177 -1.13 -35.67 -22.27
N GLN A 178 -0.76 -36.91 -22.59
CA GLN A 178 0.04 -37.18 -23.79
C GLN A 178 -0.69 -36.73 -25.05
N LYS A 179 -1.99 -37.03 -25.15
CA LYS A 179 -2.72 -36.72 -26.37
C LYS A 179 -2.81 -35.23 -26.59
N TYR A 180 -3.06 -34.46 -25.53
CA TYR A 180 -3.33 -33.03 -25.65
C TYR A 180 -2.13 -32.19 -25.22
N ASP A 181 -0.93 -32.75 -25.20
CA ASP A 181 0.32 -32.02 -25.06
C ASP A 181 0.46 -31.33 -23.71
N ILE A 182 -0.18 -31.86 -22.67
CA ILE A 182 -0.12 -31.27 -21.33
C ILE A 182 0.99 -31.95 -20.53
N LYS A 183 1.68 -31.18 -19.70
CA LYS A 183 2.71 -31.72 -18.82
C LYS A 183 2.07 -32.33 -17.58
N PHE A 184 2.43 -33.58 -17.29
CA PHE A 184 1.77 -34.40 -16.29
C PHE A 184 2.67 -34.57 -15.06
N LYS A 185 2.17 -34.15 -13.90
CA LYS A 185 2.93 -34.26 -12.66
C LYS A 185 2.08 -34.91 -11.57
N LEU A 186 2.75 -35.53 -10.59
CA LEU A 186 2.10 -36.16 -9.46
C LEU A 186 2.38 -35.39 -8.17
N ASN A 187 1.40 -35.43 -7.26
CA ASN A 187 1.54 -34.86 -5.92
C ASN A 187 1.10 -35.88 -4.88
N THR A 188 2.05 -36.49 -4.17
CA THR A 188 1.70 -37.42 -3.11
C THR A 188 2.08 -36.83 -1.75
N VAL A 189 1.27 -37.12 -0.75
CA VAL A 189 1.50 -36.69 0.62
C VAL A 189 2.00 -37.88 1.41
N VAL A 190 3.17 -37.73 2.03
CA VAL A 190 3.77 -38.79 2.83
C VAL A 190 3.21 -38.67 4.25
N ASN A 191 2.43 -39.67 4.67
CA ASN A 191 1.79 -39.66 5.98
C ASN A 191 1.89 -41.05 6.58
N LYS A 192 1.38 -41.19 7.81
CA LYS A 192 1.57 -42.42 8.58
C LYS A 192 1.15 -43.67 7.83
N PHE A 193 0.11 -43.59 7.00
CA PHE A 193 -0.40 -44.77 6.30
C PHE A 193 0.49 -45.21 5.15
N ASN A 194 1.03 -44.27 4.36
CA ASN A 194 1.73 -44.62 3.13
C ASN A 194 3.23 -44.35 3.17
N HIS A 195 3.79 -44.00 4.34
CA HIS A 195 5.20 -43.62 4.36
C HIS A 195 6.14 -44.81 4.18
N LEU A 196 5.63 -46.03 4.22
CA LEU A 196 6.44 -47.23 4.04
C LEU A 196 6.34 -47.83 2.64
N GLU A 197 5.54 -47.23 1.75
CA GLU A 197 5.26 -47.83 0.45
C GLU A 197 6.43 -47.67 -0.51
N ASP A 198 6.51 -48.59 -1.48
CA ASP A 198 7.50 -48.56 -2.55
C ASP A 198 6.76 -48.27 -3.85
N MET A 199 6.76 -47.01 -4.28
CA MET A 199 5.99 -46.55 -5.41
C MET A 199 6.80 -46.48 -6.71
N ASN A 200 7.98 -47.11 -6.75
CA ASN A 200 8.86 -46.96 -7.89
C ASN A 200 8.27 -47.57 -9.17
N ASP A 201 7.87 -48.85 -9.09
CA ASP A 201 7.37 -49.53 -10.29
C ASP A 201 6.26 -48.75 -10.98
N HIS A 202 5.37 -48.12 -10.19
CA HIS A 202 4.30 -47.35 -10.78
C HIS A 202 4.83 -46.08 -11.45
N LEU A 203 5.79 -45.41 -10.82
CA LEU A 203 6.29 -44.13 -11.31
C LEU A 203 7.23 -44.25 -12.50
N ASN A 204 7.77 -45.43 -12.78
CA ASN A 204 8.53 -45.61 -14.01
C ASN A 204 7.61 -45.69 -15.21
N ALA A 205 6.53 -46.47 -15.10
CA ALA A 205 5.55 -46.54 -16.17
C ALA A 205 4.76 -45.24 -16.28
N LEU A 206 4.41 -44.65 -15.14
CA LEU A 206 3.59 -43.44 -15.16
C LEU A 206 4.42 -42.24 -15.59
N GLN A 207 5.65 -42.13 -15.06
CA GLN A 207 6.71 -41.28 -15.59
C GLN A 207 6.33 -39.81 -15.62
N PRO A 208 6.12 -39.18 -14.47
CA PRO A 208 5.84 -37.74 -14.46
C PRO A 208 7.12 -36.92 -14.52
N PHE A 209 7.00 -35.73 -15.10
CA PHE A 209 8.14 -34.81 -15.15
C PHE A 209 8.39 -34.14 -13.80
N ARG A 210 7.40 -34.12 -12.92
CA ARG A 210 7.50 -33.45 -11.63
C ARG A 210 6.73 -34.30 -10.64
N TRP A 211 7.37 -34.68 -9.53
CA TRP A 211 6.72 -35.55 -8.56
C TRP A 211 6.95 -34.97 -7.16
N LYS A 212 5.98 -34.24 -6.64
CA LYS A 212 6.11 -33.64 -5.32
C LYS A 212 5.69 -34.61 -4.22
N CYS A 213 6.46 -34.66 -3.15
CA CYS A 213 6.16 -35.46 -1.97
C CYS A 213 6.12 -34.54 -0.76
N PHE A 214 4.91 -34.26 -0.27
CA PHE A 214 4.73 -33.37 0.86
C PHE A 214 4.75 -34.14 2.17
N GLN A 215 5.57 -33.67 3.11
CA GLN A 215 5.39 -34.05 4.50
C GLN A 215 4.16 -33.33 5.03
N VAL A 216 3.22 -34.09 5.60
CA VAL A 216 1.95 -33.56 6.12
C VAL A 216 2.18 -32.25 6.87
N LEU A 217 1.39 -31.24 6.55
CA LEU A 217 1.51 -29.92 7.15
C LEU A 217 0.36 -29.68 8.11
N ILE A 218 0.66 -28.93 9.17
CA ILE A 218 -0.33 -28.63 10.20
C ILE A 218 -0.67 -27.15 10.16
N VAL A 219 -1.54 -26.75 9.24
CA VAL A 219 -1.94 -25.35 9.13
C VAL A 219 -2.83 -24.99 10.31
N THR A 220 -2.41 -24.00 11.08
CA THR A 220 -3.17 -23.59 12.25
C THR A 220 -4.43 -22.86 11.81
N GLY A 221 -5.59 -23.39 12.20
CA GLY A 221 -6.86 -22.90 11.73
C GLY A 221 -7.60 -23.87 10.84
N GLU A 222 -6.88 -24.79 10.20
CA GLU A 222 -7.43 -25.73 9.23
C GLU A 222 -7.50 -27.16 9.75
N ASN A 223 -6.41 -27.68 10.33
CA ASN A 223 -6.35 -29.09 10.67
C ASN A 223 -5.46 -29.33 11.89
N ASP A 224 -5.55 -28.47 12.89
CA ASP A 224 -4.68 -28.57 14.06
C ASP A 224 -5.41 -28.82 15.38
N SER A 225 -6.73 -29.00 15.37
CA SER A 225 -7.49 -29.25 16.59
C SER A 225 -8.82 -29.88 16.23
N ASP A 226 -9.54 -30.33 17.27
CA ASP A 226 -10.88 -30.88 17.09
C ASP A 226 -11.91 -29.82 16.73
N LYS A 227 -11.65 -28.55 17.07
CA LYS A 227 -12.57 -27.47 16.70
C LYS A 227 -12.69 -27.33 15.19
N THR A 228 -11.60 -27.57 14.46
CA THR A 228 -11.55 -27.33 13.02
C THR A 228 -12.26 -28.44 12.26
N LEU A 229 -12.39 -28.23 10.95
CA LEU A 229 -13.04 -29.21 10.08
C LEU A 229 -12.27 -30.53 10.05
N ARG A 230 -10.95 -30.48 10.24
CA ARG A 230 -10.12 -31.68 10.20
C ARG A 230 -9.17 -31.68 11.39
N ASN A 231 -8.45 -32.79 11.53
CA ASN A 231 -7.39 -32.89 12.52
C ASN A 231 -6.37 -33.87 11.98
N ALA A 232 -5.18 -33.37 11.64
CA ALA A 232 -4.17 -34.17 10.95
C ALA A 232 -3.06 -34.64 11.85
N HIS A 233 -3.11 -34.35 13.16
CA HIS A 233 -2.00 -34.67 14.04
C HIS A 233 -1.74 -36.16 14.13
N SER A 234 -2.80 -36.98 13.98
CA SER A 234 -2.62 -38.43 14.01
C SER A 234 -1.81 -38.94 12.82
N LEU A 235 -1.90 -38.28 11.68
CA LEU A 235 -1.21 -38.71 10.47
C LEU A 235 0.19 -38.11 10.34
N THR A 236 0.63 -37.34 11.32
CA THR A 236 1.98 -36.78 11.30
C THR A 236 3.02 -37.90 11.33
N ILE A 237 4.12 -37.69 10.61
CA ILE A 237 5.28 -38.58 10.64
C ILE A 237 6.51 -37.74 10.91
N SER A 238 7.54 -38.40 11.42
CA SER A 238 8.76 -37.72 11.85
C SER A 238 9.63 -37.37 10.64
N ASP A 239 10.71 -36.63 10.93
CA ASP A 239 11.66 -36.25 9.89
C ASP A 239 12.31 -37.47 9.25
N ASP A 240 12.71 -38.44 10.07
CA ASP A 240 13.37 -39.63 9.54
C ASP A 240 12.40 -40.52 8.78
N GLU A 241 11.14 -40.59 9.24
CA GLU A 241 10.13 -41.34 8.50
C GLU A 241 9.95 -40.78 7.10
N PHE A 242 9.97 -39.46 6.96
CA PHE A 242 9.89 -38.84 5.65
C PHE A 242 11.13 -39.12 4.82
N ASP A 243 12.31 -39.06 5.44
CA ASP A 243 13.55 -39.28 4.70
C ASP A 243 13.69 -40.72 4.22
N ARG A 244 13.23 -41.70 5.02
CA ARG A 244 13.18 -43.07 4.52
C ARG A 244 12.36 -43.16 3.24
N PHE A 245 11.23 -42.45 3.19
CA PHE A 245 10.39 -42.44 2.00
C PHE A 245 11.13 -41.83 0.81
N CYS A 246 11.75 -40.67 1.01
CA CYS A 246 12.44 -40.01 -0.10
C CYS A 246 13.67 -40.79 -0.53
N GLU A 247 14.43 -41.33 0.42
CA GLU A 247 15.60 -42.13 0.12
C GLU A 247 15.23 -43.43 -0.58
N ARG A 248 14.05 -43.98 -0.28
CA ARG A 248 13.62 -45.21 -0.94
C ARG A 248 13.37 -45.00 -2.43
N HIS A 249 12.99 -43.79 -2.83
CA HIS A 249 12.75 -43.44 -4.23
C HIS A 249 13.88 -42.60 -4.80
N SER A 250 15.11 -42.89 -4.40
CA SER A 250 16.27 -42.20 -4.97
C SER A 250 16.42 -42.48 -6.46
N SER A 251 15.85 -43.59 -6.94
CA SER A 251 15.83 -43.88 -8.38
C SER A 251 15.02 -42.87 -9.19
N GLN A 252 14.13 -42.12 -8.54
CA GLN A 252 13.26 -41.19 -9.23
C GLN A 252 13.93 -39.83 -9.35
N THR A 253 14.22 -39.44 -10.59
CA THR A 253 14.84 -38.14 -10.85
C THR A 253 13.88 -36.99 -10.59
N CYS A 254 12.59 -37.19 -10.90
CA CYS A 254 11.62 -36.11 -10.76
C CYS A 254 11.27 -35.80 -9.31
N LEU A 255 11.61 -36.69 -8.38
CA LEU A 255 11.28 -36.50 -6.97
C LEU A 255 11.74 -35.15 -6.45
N VAL A 256 10.79 -34.36 -5.97
CA VAL A 256 11.09 -33.06 -5.36
C VAL A 256 10.48 -33.04 -3.96
N PRO A 257 11.27 -33.37 -2.93
CA PRO A 257 10.71 -33.43 -1.58
C PRO A 257 10.42 -32.05 -1.02
N GLU A 258 9.44 -31.99 -0.12
CA GLU A 258 9.09 -30.77 0.60
C GLU A 258 8.79 -31.12 2.05
N PRO A 259 9.81 -31.09 2.91
CA PRO A 259 9.56 -31.21 4.35
C PRO A 259 8.78 -30.03 4.90
N ASN A 260 8.54 -30.00 6.20
CA ASN A 260 7.90 -28.83 6.80
C ASN A 260 8.80 -27.61 6.82
N ARG A 261 10.11 -27.77 6.60
CA ARG A 261 10.96 -26.60 6.44
C ARG A 261 10.46 -25.72 5.30
N LEU A 262 10.20 -26.31 4.14
CA LEU A 262 10.02 -25.58 2.89
C LEU A 262 8.58 -25.37 2.47
N MET A 263 7.64 -26.20 2.95
CA MET A 263 6.27 -26.08 2.45
C MET A 263 5.45 -25.06 3.22
N ALA A 264 5.76 -24.83 4.49
CA ALA A 264 4.90 -24.04 5.36
C ALA A 264 4.60 -22.66 4.80
N LYS A 265 5.65 -21.86 4.58
CA LYS A 265 5.48 -20.43 4.29
C LYS A 265 6.16 -20.01 2.99
N SER A 266 6.18 -20.89 1.99
CA SER A 266 6.84 -20.60 0.72
C SER A 266 5.86 -20.46 -0.44
N TYR A 267 4.56 -20.43 -0.16
CA TYR A 267 3.54 -20.36 -1.20
C TYR A 267 2.79 -19.05 -1.16
N LEU A 268 2.36 -18.59 -2.33
CA LEU A 268 1.46 -17.44 -2.45
C LEU A 268 0.04 -17.97 -2.64
N ILE A 269 -0.76 -17.93 -1.58
CA ILE A 269 -2.08 -18.54 -1.56
C ILE A 269 -3.14 -17.45 -1.71
N LEU A 270 -4.08 -17.68 -2.62
CA LEU A 270 -5.23 -16.79 -2.82
C LEU A 270 -6.52 -17.44 -2.35
N ASP A 271 -7.23 -16.74 -1.48
CA ASP A 271 -8.53 -17.17 -1.03
C ASP A 271 -9.52 -17.24 -2.19
N GLU A 272 -10.64 -17.91 -1.95
CA GLU A 272 -11.79 -17.77 -2.83
C GLU A 272 -12.24 -16.31 -2.92
N TYR A 273 -11.93 -15.51 -1.90
CA TYR A 273 -12.17 -14.06 -1.93
C TYR A 273 -11.01 -13.27 -2.52
N MET A 274 -10.01 -13.95 -3.11
CA MET A 274 -8.86 -13.32 -3.74
C MET A 274 -8.09 -12.43 -2.75
N ARG A 275 -7.67 -13.04 -1.66
CA ARG A 275 -6.78 -12.36 -0.73
C ARG A 275 -5.67 -13.31 -0.29
N PHE A 276 -4.45 -12.79 -0.22
CA PHE A 276 -3.29 -13.58 0.18
C PHE A 276 -3.43 -14.04 1.62
N LEU A 277 -3.05 -15.29 1.88
CA LEU A 277 -3.14 -15.89 3.20
C LEU A 277 -1.75 -15.95 3.83
N ASP A 278 -1.61 -15.35 5.01
CA ASP A 278 -0.37 -15.46 5.76
C ASP A 278 -0.36 -16.77 6.55
N ARG A 279 0.73 -17.52 6.41
CA ARG A 279 0.91 -18.77 7.13
C ARG A 279 1.95 -18.61 8.23
N ASN A 280 2.23 -17.37 8.64
CA ASN A 280 3.14 -17.08 9.74
C ASN A 280 2.42 -16.81 11.05
N GLY A 281 1.17 -16.32 11.00
CA GLY A 281 0.46 -16.00 12.23
C GLY A 281 -0.61 -14.93 12.08
N GLN A 282 -0.35 -13.92 11.26
CA GLN A 282 -1.27 -12.81 11.14
C GLN A 282 -2.43 -13.16 10.22
N GLN A 283 -3.51 -12.38 10.34
CA GLN A 283 -4.73 -12.64 9.60
C GLN A 283 -4.57 -12.28 8.12
N PRO A 284 -5.45 -12.79 7.26
CA PRO A 284 -5.25 -12.58 5.82
C PRO A 284 -5.37 -11.12 5.42
N SER A 285 -4.79 -10.82 4.27
CA SER A 285 -4.81 -9.46 3.73
C SER A 285 -6.21 -9.11 3.25
N LYS A 286 -6.36 -7.86 2.82
CA LYS A 286 -7.59 -7.47 2.15
C LYS A 286 -7.55 -7.96 0.70
N SER A 287 -8.72 -8.02 0.07
CA SER A 287 -8.80 -8.56 -1.28
C SER A 287 -8.01 -7.71 -2.27
N ILE A 288 -7.34 -8.36 -3.21
CA ILE A 288 -6.66 -7.63 -4.26
C ILE A 288 -7.67 -6.94 -5.18
N LEU A 289 -8.93 -7.34 -5.11
CA LEU A 289 -9.96 -6.67 -5.90
C LEU A 289 -10.28 -5.29 -5.31
N GLU A 290 -10.31 -5.18 -3.99
CA GLU A 290 -10.64 -3.92 -3.34
C GLU A 290 -9.43 -3.04 -3.03
N VAL A 291 -8.23 -3.61 -2.89
CA VAL A 291 -7.05 -2.81 -2.55
C VAL A 291 -5.94 -2.89 -3.59
N GLY A 292 -5.85 -3.95 -4.39
CA GLY A 292 -4.74 -4.08 -5.31
C GLY A 292 -3.63 -4.98 -4.77
N VAL A 293 -2.72 -5.36 -5.68
CA VAL A 293 -1.76 -6.44 -5.41
C VAL A 293 -0.71 -5.99 -4.39
N GLN A 294 -0.16 -4.78 -4.55
CA GLN A 294 0.96 -4.36 -3.70
C GLN A 294 0.58 -4.38 -2.23
N GLN A 295 -0.55 -3.74 -1.88
CA GLN A 295 -0.97 -3.72 -0.48
C GLN A 295 -1.26 -5.12 0.04
N ALA A 296 -1.79 -6.00 -0.80
CA ALA A 296 -2.12 -7.35 -0.34
C ALA A 296 -0.86 -8.17 -0.08
N LEU A 297 0.13 -8.07 -0.96
CA LEU A 297 1.32 -8.90 -0.80
C LEU A 297 2.11 -8.54 0.45
N GLN A 298 2.21 -7.24 0.77
CA GLN A 298 3.00 -6.86 1.93
C GLN A 298 2.33 -7.25 3.24
N ALA A 299 1.01 -7.43 3.24
CA ALA A 299 0.26 -7.89 4.41
C ALA A 299 0.45 -9.39 4.69
N VAL A 300 1.33 -10.06 3.96
CA VAL A 300 1.55 -11.49 4.08
C VAL A 300 3.05 -11.75 4.05
N PHE A 301 3.49 -12.71 4.87
CA PHE A 301 4.87 -13.17 4.85
C PHE A 301 5.02 -14.26 3.79
N TRP A 302 5.97 -14.08 2.89
CA TRP A 302 6.30 -15.07 1.87
C TRP A 302 7.82 -15.25 1.82
N ASP A 303 8.29 -16.44 2.19
CA ASP A 303 9.72 -16.74 2.25
C ASP A 303 10.21 -17.11 0.85
N GLU A 304 10.82 -16.15 0.15
CA GLU A 304 11.32 -16.42 -1.18
C GLU A 304 12.53 -17.35 -1.18
N GLU A 305 13.20 -17.52 -0.04
CA GLU A 305 14.35 -18.42 0.01
C GLU A 305 13.90 -19.88 -0.02
N ALA A 306 12.90 -20.24 0.78
CA ALA A 306 12.34 -21.58 0.69
C ALA A 306 11.66 -21.80 -0.65
N PHE A 307 11.08 -20.74 -1.24
CA PHE A 307 10.49 -20.83 -2.57
C PHE A 307 11.51 -21.32 -3.59
N VAL A 308 12.71 -20.73 -3.57
CA VAL A 308 13.75 -21.14 -4.50
C VAL A 308 14.37 -22.47 -4.08
N GLU A 309 14.44 -22.75 -2.77
CA GLU A 309 15.07 -23.99 -2.32
C GLU A 309 14.25 -25.21 -2.71
N ARG A 310 12.92 -25.12 -2.58
CA ARG A 310 12.06 -26.25 -2.93
C ARG A 310 11.82 -26.38 -4.42
N GLY A 311 12.45 -25.54 -5.24
CA GLY A 311 12.30 -25.64 -6.68
C GLY A 311 11.09 -24.91 -7.21
N GLY A 312 10.81 -23.73 -6.66
CA GLY A 312 9.63 -23.00 -7.08
C GLY A 312 9.69 -22.48 -8.50
N ILE A 313 10.89 -22.12 -8.95
CA ILE A 313 11.12 -21.73 -10.33
C ILE A 313 11.69 -22.92 -11.10
N TYR A 314 11.09 -23.23 -12.24
CA TYR A 314 11.57 -24.33 -13.07
C TYR A 314 11.06 -24.12 -14.47
N ASP A 315 11.28 -25.10 -15.33
CA ASP A 315 10.84 -25.07 -16.72
C ASP A 315 9.35 -25.42 -16.76
N TRP A 316 8.52 -24.43 -16.41
CA TRP A 316 7.09 -24.64 -16.24
C TRP A 316 6.30 -24.47 -17.54
N ASN A 317 6.92 -24.00 -18.61
CA ASN A 317 6.20 -23.80 -19.86
C ASN A 317 6.02 -25.12 -20.60
N LYS A 318 5.13 -25.12 -21.58
CA LYS A 318 4.86 -26.30 -22.39
C LYS A 318 5.93 -26.56 -23.43
N SER A 319 6.90 -25.65 -23.58
CA SER A 319 8.02 -25.83 -24.49
C SER A 319 9.31 -26.02 -23.69
N SER A 320 10.36 -26.44 -24.39
CA SER A 320 11.69 -26.63 -23.82
C SER A 320 11.73 -27.76 -22.79
N GLN B 40 17.81 16.90 43.87
CA GLN B 40 17.58 16.83 42.43
C GLN B 40 16.57 17.89 41.98
N VAL B 41 16.76 18.43 40.78
CA VAL B 41 15.92 19.50 40.24
C VAL B 41 15.18 18.96 39.02
N PRO B 42 13.84 18.91 39.03
CA PRO B 42 13.11 18.28 37.91
C PRO B 42 13.03 19.15 36.66
N VAL B 43 14.08 19.09 35.83
CA VAL B 43 14.17 19.98 34.68
C VAL B 43 13.16 19.58 33.61
N SER B 44 13.16 18.31 33.21
CA SER B 44 12.26 17.81 32.16
C SER B 44 11.34 16.76 32.77
N VAL B 45 10.03 17.01 32.69
CA VAL B 45 9.01 16.17 33.32
C VAL B 45 8.07 15.62 32.27
N ASN B 46 7.71 14.35 32.41
CA ASN B 46 6.74 13.68 31.54
C ASN B 46 5.47 13.44 32.35
N TYR B 47 4.42 14.19 32.03
CA TYR B 47 3.14 14.08 32.73
C TYR B 47 2.23 13.13 31.97
N HIS B 48 2.19 11.87 32.42
CA HIS B 48 1.33 10.84 31.84
C HIS B 48 -0.08 10.99 32.44
N PHE B 49 -0.79 12.03 31.98
CA PHE B 49 -2.01 12.42 32.66
C PHE B 49 -3.15 11.41 32.49
N SER B 50 -3.10 10.56 31.45
CA SER B 50 -4.05 9.46 31.34
C SER B 50 -3.34 8.21 30.84
N ARG B 51 -3.88 7.06 31.24
CA ARG B 51 -3.42 5.76 30.74
C ARG B 51 -4.28 5.23 29.61
N LYS B 52 -5.41 5.88 29.32
CA LYS B 52 -6.36 5.39 28.33
C LYS B 52 -5.84 5.64 26.93
N CYS B 53 -6.16 4.72 26.02
CA CYS B 53 -5.65 4.82 24.65
C CYS B 53 -6.57 4.07 23.69
N ASN B 54 -6.37 4.37 22.40
CA ASN B 54 -7.13 3.78 21.32
C ASN B 54 -6.34 2.79 20.48
N LYS B 55 -5.07 2.57 20.79
CA LYS B 55 -4.25 1.56 20.13
C LYS B 55 -3.95 0.40 21.08
N GLU B 56 -3.40 -0.67 20.51
CA GLU B 56 -3.01 -1.84 21.29
C GLU B 56 -1.66 -2.35 20.80
N CYS B 57 -0.62 -1.52 20.96
CA CYS B 57 0.73 -1.94 20.66
C CYS B 57 1.18 -3.00 21.67
N LEU B 58 1.67 -4.13 21.16
CA LEU B 58 1.98 -5.28 22.01
C LEU B 58 3.07 -5.00 23.04
N PHE B 59 3.94 -4.02 22.81
CA PHE B 59 5.06 -3.75 23.70
C PHE B 59 4.84 -2.61 24.69
N CYS B 60 3.64 -2.03 24.75
CA CYS B 60 3.35 -0.88 25.59
C CYS B 60 3.80 -1.05 27.04
N PHE B 61 4.57 -0.10 27.55
CA PHE B 61 4.93 -0.09 28.98
C PHE B 61 4.20 0.98 29.77
N HIS B 62 3.07 1.49 29.27
CA HIS B 62 2.23 2.38 30.05
C HIS B 62 0.77 2.04 29.73
N THR B 63 0.36 0.85 30.16
CA THR B 63 -0.91 0.27 29.76
C THR B 63 -2.07 0.97 30.46
N ALA B 64 -3.27 0.75 29.92
CA ALA B 64 -4.49 1.34 30.46
C ALA B 64 -4.93 0.56 31.71
N THR B 65 -4.12 0.71 32.76
CA THR B 65 -4.45 0.08 34.04
C THR B 65 -5.51 0.87 34.79
N THR B 66 -5.65 2.16 34.51
CA THR B 66 -6.66 3.00 35.12
C THR B 66 -7.09 4.06 34.11
N SER B 67 -8.30 4.58 34.32
CA SER B 67 -8.84 5.64 33.47
C SER B 67 -9.02 6.93 34.25
N HIS B 68 -8.34 7.07 35.38
CA HIS B 68 -8.41 8.29 36.15
C HIS B 68 -7.60 9.40 35.49
N VAL B 69 -8.16 10.60 35.47
CA VAL B 69 -7.44 11.79 35.05
C VAL B 69 -7.72 12.89 36.07
N GLU B 70 -6.71 13.69 36.36
CA GLU B 70 -6.84 14.67 37.42
C GLU B 70 -7.72 15.83 36.96
N LYS B 71 -8.32 16.51 37.92
CA LYS B 71 -9.08 17.71 37.60
C LYS B 71 -8.13 18.77 37.05
N PRO B 72 -8.55 19.53 36.04
CA PRO B 72 -7.70 20.62 35.55
C PRO B 72 -7.43 21.67 36.61
N GLU B 73 -8.27 21.74 37.64
CA GLU B 73 -7.98 22.61 38.78
C GLU B 73 -6.78 22.11 39.57
N ASN B 74 -6.75 20.80 39.87
CA ASN B 74 -5.64 20.24 40.64
C ASN B 74 -4.40 20.03 39.77
N ALA B 75 -4.57 19.74 38.47
CA ALA B 75 -3.41 19.60 37.60
C ALA B 75 -2.67 20.93 37.45
N LYS B 76 -3.39 22.05 37.47
CA LYS B 76 -2.75 23.36 37.47
C LYS B 76 -2.07 23.66 38.80
N ARG B 77 -2.55 23.06 39.88
CA ARG B 77 -1.83 23.09 41.16
C ARG B 77 -0.46 22.44 41.02
N GLY B 78 -0.44 21.17 40.60
CA GLY B 78 0.82 20.44 40.55
C GLY B 78 1.81 21.05 39.59
N LEU B 79 1.36 21.47 38.41
CA LEU B 79 2.27 22.03 37.43
C LEU B 79 2.82 23.38 37.88
N THR B 80 2.01 24.19 38.56
CA THR B 80 2.56 25.41 39.14
C THR B 80 3.50 25.09 40.29
N LEU B 81 3.13 24.12 41.13
CA LEU B 81 4.02 23.65 42.19
C LEU B 81 5.30 23.07 41.60
N LEU B 82 5.21 22.44 40.43
CA LEU B 82 6.36 21.84 39.77
C LEU B 82 7.18 22.86 39.03
N LYS B 83 6.58 23.98 38.62
CA LYS B 83 7.32 25.08 38.02
C LYS B 83 8.30 25.68 39.01
N GLN B 84 7.84 25.94 40.23
CA GLN B 84 8.71 26.53 41.25
C GLN B 84 9.85 25.59 41.61
N ALA B 85 9.66 24.28 41.46
CA ALA B 85 10.72 23.32 41.74
C ALA B 85 11.88 23.40 40.75
N GLY B 86 11.67 23.98 39.57
CA GLY B 86 12.76 24.11 38.62
C GLY B 86 12.44 23.59 37.24
N MET B 87 11.20 23.13 37.03
CA MET B 87 10.80 22.56 35.76
C MET B 87 10.94 23.57 34.62
N LYS B 88 11.56 23.15 33.54
CA LYS B 88 11.66 23.95 32.33
C LYS B 88 10.98 23.33 31.11
N LYS B 89 10.98 22.01 30.97
CA LYS B 89 10.26 21.32 29.91
C LYS B 89 9.17 20.43 30.50
N ILE B 90 7.97 20.51 29.93
CA ILE B 90 6.88 19.59 30.25
C ILE B 90 6.61 18.74 29.02
N ASN B 91 6.36 17.45 29.24
CA ASN B 91 6.00 16.53 28.16
C ASN B 91 4.67 15.88 28.52
N PHE B 92 3.64 16.16 27.73
CA PHE B 92 2.33 15.56 27.93
C PHE B 92 2.26 14.25 27.18
N ALA B 93 2.41 13.15 27.91
CA ALA B 93 2.34 11.81 27.34
C ALA B 93 1.26 11.02 28.04
N GLY B 94 1.46 9.71 28.20
CA GLY B 94 0.51 8.91 28.94
C GLY B 94 0.11 7.67 28.19
N GLY B 95 -1.20 7.46 28.08
CA GLY B 95 -1.71 6.64 27.02
C GLY B 95 -1.70 7.49 25.76
N GLU B 96 -2.88 7.94 25.33
CA GLU B 96 -2.97 8.86 24.20
C GLU B 96 -3.48 10.20 24.68
N PRO B 97 -2.71 11.29 24.53
CA PRO B 97 -3.13 12.57 25.11
C PRO B 97 -4.23 13.28 24.34
N PHE B 98 -4.35 13.04 23.03
CA PHE B 98 -5.40 13.68 22.23
C PHE B 98 -6.76 13.04 22.41
N LEU B 99 -6.88 11.96 23.19
CA LEU B 99 -8.20 11.51 23.64
C LEU B 99 -8.83 12.50 24.60
N TYR B 100 -8.03 13.36 25.23
CA TYR B 100 -8.52 14.38 26.16
C TYR B 100 -8.11 15.76 25.65
N PRO B 101 -8.60 16.19 24.49
CA PRO B 101 -8.11 17.45 23.91
C PRO B 101 -8.54 18.69 24.69
N LYS B 102 -9.65 18.63 25.43
CA LYS B 102 -10.03 19.77 26.25
C LYS B 102 -9.10 19.91 27.44
N PHE B 103 -8.84 18.79 28.15
CA PHE B 103 -7.83 18.79 29.19
C PHE B 103 -6.47 19.18 28.66
N LEU B 104 -6.01 18.49 27.61
CA LEU B 104 -4.72 18.78 26.99
C LEU B 104 -4.61 20.23 26.55
N GLY B 105 -5.66 20.78 25.94
CA GLY B 105 -5.63 22.16 25.48
C GLY B 105 -5.52 23.16 26.62
N GLU B 106 -6.22 22.91 27.72
CA GLU B 106 -6.15 23.82 28.86
C GLU B 106 -4.76 23.82 29.48
N MET B 107 -4.12 22.66 29.55
CA MET B 107 -2.84 22.55 30.23
C MET B 107 -1.73 23.24 29.45
N ILE B 108 -1.62 22.94 28.15
CA ILE B 108 -0.54 23.51 27.35
C ILE B 108 -0.70 25.02 27.20
N ASP B 109 -1.93 25.52 27.25
CA ASP B 109 -2.12 26.97 27.34
C ASP B 109 -1.68 27.50 28.69
N PHE B 110 -2.02 26.77 29.76
CA PHE B 110 -1.62 27.18 31.10
C PHE B 110 -0.10 27.13 31.27
N CYS B 111 0.53 26.05 30.81
CA CYS B 111 1.97 25.89 30.98
C CYS B 111 2.75 27.00 30.31
N LYS B 112 2.33 27.43 29.13
CA LYS B 112 3.08 28.44 28.39
C LYS B 112 2.73 29.85 28.84
N GLU B 113 1.44 30.22 28.79
CA GLU B 113 1.07 31.63 28.96
C GLU B 113 1.36 32.14 30.37
N THR B 114 0.86 31.44 31.39
CA THR B 114 0.98 31.91 32.76
C THR B 114 2.16 31.32 33.51
N LEU B 115 2.52 30.07 33.26
CA LEU B 115 3.68 29.47 33.90
C LEU B 115 4.99 29.85 33.22
N GLN B 116 4.93 30.42 32.01
CA GLN B 116 6.12 30.87 31.29
C GLN B 116 7.11 29.72 31.12
N LEU B 117 6.60 28.55 30.74
CA LEU B 117 7.43 27.36 30.70
C LEU B 117 8.30 27.37 29.45
N GLU B 118 9.53 26.87 29.61
CA GLU B 118 10.52 26.95 28.54
C GLU B 118 10.09 26.15 27.32
N SER B 119 9.61 24.92 27.53
CA SER B 119 9.26 24.05 26.41
C SER B 119 8.05 23.22 26.80
N VAL B 120 7.02 23.23 25.95
CA VAL B 120 5.84 22.40 26.10
C VAL B 120 5.85 21.38 24.98
N SER B 121 5.82 20.10 25.33
CA SER B 121 5.82 19.00 24.37
C SER B 121 4.54 18.19 24.45
N ILE B 122 4.27 17.46 23.37
CA ILE B 122 3.20 16.47 23.31
C ILE B 122 3.72 15.27 22.52
N VAL B 123 3.40 14.06 22.98
CA VAL B 123 3.78 12.82 22.32
C VAL B 123 2.51 12.09 21.92
N THR B 124 2.38 11.80 20.63
CA THR B 124 1.14 11.26 20.08
C THR B 124 1.43 10.03 19.23
N ASN B 125 0.42 9.16 19.12
CA ASN B 125 0.48 8.10 18.11
C ASN B 125 0.08 8.63 16.73
N GLY B 126 -0.60 9.78 16.69
CA GLY B 126 -0.89 10.47 15.46
C GLY B 126 -2.31 10.34 14.95
N SER B 127 -3.05 9.33 15.41
CA SER B 127 -4.35 9.03 14.85
C SER B 127 -5.33 10.19 15.01
N LEU B 128 -5.42 10.76 16.22
CA LEU B 128 -6.48 11.69 16.56
C LEU B 128 -6.11 13.16 16.41
N VAL B 129 -4.91 13.48 15.91
CA VAL B 129 -4.50 14.87 15.75
C VAL B 129 -5.27 15.51 14.61
N LYS B 130 -5.76 16.72 14.85
CA LYS B 130 -6.53 17.48 13.87
C LYS B 130 -5.98 18.89 13.76
N GLU B 131 -6.17 19.50 12.59
CA GLU B 131 -5.57 20.79 12.32
C GLU B 131 -6.13 21.87 13.24
N GLN B 132 -7.44 21.82 13.53
CA GLN B 132 -8.04 22.85 14.37
C GLN B 132 -7.38 22.94 15.74
N PHE B 133 -6.83 21.82 16.24
CA PHE B 133 -6.09 21.87 17.50
C PHE B 133 -4.81 22.68 17.37
N LEU B 134 -4.05 22.42 16.31
CA LEU B 134 -2.80 23.15 16.11
C LEU B 134 -3.02 24.60 15.69
N GLN B 135 -4.21 24.93 15.18
CA GLN B 135 -4.56 26.33 14.98
C GLN B 135 -4.71 27.05 16.31
N LYS B 136 -5.53 26.48 17.21
CA LYS B 136 -5.83 27.11 18.48
C LYS B 136 -4.58 27.25 19.34
N HIS B 137 -3.84 26.16 19.52
CA HIS B 137 -2.82 26.07 20.56
C HIS B 137 -1.40 26.09 20.04
N GLY B 138 -1.19 26.09 18.72
CA GLY B 138 0.16 25.97 18.19
C GLY B 138 1.08 27.09 18.64
N ARG B 139 0.52 28.25 18.96
CA ARG B 139 1.30 29.32 19.56
C ARG B 139 1.98 28.88 20.85
N ASN B 140 1.38 27.93 21.58
CA ASN B 140 1.93 27.47 22.85
C ASN B 140 2.53 26.09 22.80
N ILE B 141 2.47 25.39 21.66
CA ILE B 141 3.13 24.10 21.51
C ILE B 141 4.49 24.32 20.88
N ASP B 142 5.53 23.80 21.53
CA ASP B 142 6.90 23.92 21.05
C ASP B 142 7.40 22.69 20.32
N ILE B 143 7.05 21.48 20.80
CA ILE B 143 7.44 20.24 20.15
C ILE B 143 6.23 19.33 20.09
N LEU B 144 5.95 18.80 18.89
CA LEU B 144 4.92 17.79 18.70
C LEU B 144 5.63 16.51 18.23
N ALA B 145 5.43 15.43 18.96
CA ALA B 145 6.15 14.16 18.73
C ALA B 145 5.17 13.10 18.27
N VAL B 146 5.22 12.76 16.98
CA VAL B 146 4.44 11.66 16.45
C VAL B 146 5.28 10.41 16.51
N SER B 147 4.74 9.36 17.14
CA SER B 147 5.43 8.08 17.24
C SER B 147 4.82 7.10 16.26
N CYS B 148 5.60 6.72 15.24
CA CYS B 148 5.25 5.67 14.30
C CYS B 148 6.43 4.71 14.25
N ASP B 149 6.16 3.42 14.32
CA ASP B 149 7.22 2.43 14.45
C ASP B 149 7.69 1.88 13.10
N SER B 150 6.90 2.03 12.03
CA SER B 150 7.33 1.58 10.72
C SER B 150 6.61 2.36 9.63
N PHE B 151 7.14 2.25 8.41
CA PHE B 151 6.49 2.77 7.22
C PHE B 151 5.80 1.68 6.42
N ASN B 152 5.97 0.41 6.81
CA ASN B 152 5.12 -0.66 6.30
C ASN B 152 3.83 -0.72 7.11
N GLU B 153 2.69 -0.72 6.42
CA GLU B 153 1.44 -0.94 7.13
C GLU B 153 1.38 -2.36 7.68
N ALA B 154 2.08 -3.30 7.06
CA ALA B 154 2.13 -4.67 7.56
C ALA B 154 2.79 -4.73 8.93
N THR B 155 3.88 -3.99 9.12
CA THR B 155 4.56 -4.00 10.41
C THR B 155 3.70 -3.35 11.49
N ASN B 156 3.05 -2.24 11.17
CA ASN B 156 2.17 -1.59 12.13
C ASN B 156 1.07 -2.53 12.61
N ILE B 157 0.52 -3.34 11.70
CA ILE B 157 -0.51 -4.31 12.09
C ILE B 157 0.06 -5.32 13.08
N LYS B 158 1.25 -5.85 12.78
CA LYS B 158 1.89 -6.80 13.69
C LYS B 158 2.16 -6.16 15.05
N ILE B 159 2.53 -4.88 15.05
CA ILE B 159 2.84 -4.18 16.29
C ILE B 159 1.57 -3.79 17.05
N GLY B 160 0.54 -3.32 16.35
CA GLY B 160 -0.69 -2.98 17.03
C GLY B 160 -1.27 -1.62 16.71
N ARG B 161 -0.95 -1.09 15.53
CA ARG B 161 -1.54 0.16 15.04
C ARG B 161 -2.27 -0.15 13.74
N GLY B 162 -3.60 -0.01 13.76
CA GLY B 162 -4.43 -0.56 12.71
C GLY B 162 -4.21 0.07 11.35
N SER B 163 -4.10 1.41 11.33
CA SER B 163 -4.02 2.16 10.08
C SER B 163 -5.25 1.94 9.22
N ASN B 166 -2.18 5.72 8.67
CA ASN B 166 -1.02 5.18 7.97
C ASN B 166 0.17 6.14 8.02
N VAL B 167 0.93 6.19 6.92
CA VAL B 167 2.07 7.10 6.85
C VAL B 167 1.70 8.44 6.24
N GLN B 168 0.63 8.50 5.42
CA GLN B 168 0.12 9.78 4.95
C GLN B 168 -0.26 10.69 6.11
N LYS B 169 -0.78 10.12 7.20
CA LYS B 169 -1.08 10.90 8.40
C LYS B 169 0.17 11.57 8.94
N LEU B 170 1.28 10.83 8.99
CA LEU B 170 2.54 11.37 9.50
C LEU B 170 3.00 12.55 8.64
N TYR B 171 2.96 12.41 7.32
CA TYR B 171 3.32 13.52 6.43
C TYR B 171 2.42 14.73 6.67
N GLU B 172 1.16 14.47 7.04
CA GLU B 172 0.21 15.56 7.29
C GLU B 172 0.61 16.37 8.52
N ILE B 173 0.96 15.70 9.62
CA ILE B 173 1.33 16.42 10.84
C ILE B 173 2.59 17.25 10.60
N GLY B 174 3.55 16.72 9.83
CA GLY B 174 4.71 17.51 9.45
C GLY B 174 4.31 18.77 8.70
N SER B 175 3.38 18.65 7.76
CA SER B 175 2.86 19.83 7.07
C SER B 175 2.24 20.81 8.05
N TRP B 176 1.43 20.30 9.00
CA TRP B 176 0.82 21.17 9.99
C TRP B 176 1.86 21.86 10.86
N CYS B 177 2.87 21.10 11.32
CA CYS B 177 3.90 21.68 12.17
C CYS B 177 4.65 22.81 11.46
N GLN B 178 4.91 22.65 10.17
CA GLN B 178 5.52 23.72 9.39
C GLN B 178 4.66 24.97 9.41
N LYS B 179 3.35 24.81 9.22
CA LYS B 179 2.45 25.95 9.13
C LYS B 179 2.33 26.68 10.46
N TYR B 180 2.26 25.93 11.58
CA TYR B 180 1.97 26.51 12.89
C TYR B 180 3.19 26.62 13.79
N ASP B 181 4.39 26.67 13.21
CA ASP B 181 5.63 27.03 13.91
C ASP B 181 6.04 26.01 14.96
N ILE B 182 5.61 24.75 14.84
CA ILE B 182 5.97 23.70 15.80
C ILE B 182 7.15 22.90 15.28
N LYS B 183 8.02 22.48 16.20
CA LYS B 183 9.14 21.62 15.85
C LYS B 183 8.65 20.18 15.80
N PHE B 184 8.95 19.49 14.70
CA PHE B 184 8.36 18.19 14.39
C PHE B 184 9.39 17.09 14.63
N LYS B 185 9.07 16.15 15.51
CA LYS B 185 9.98 15.07 15.84
C LYS B 185 9.29 13.71 15.78
N LEU B 186 10.09 12.66 15.56
CA LEU B 186 9.63 11.28 15.53
C LEU B 186 10.14 10.48 16.72
N ASN B 187 9.33 9.51 17.15
CA ASN B 187 9.72 8.52 18.16
C ASN B 187 9.38 7.14 17.65
N THR B 188 10.38 6.39 17.23
CA THR B 188 10.16 5.02 16.77
C THR B 188 10.78 4.04 17.76
N VAL B 189 10.12 2.90 17.93
CA VAL B 189 10.58 1.85 18.82
C VAL B 189 11.17 0.74 17.96
N VAL B 190 12.44 0.42 18.20
CA VAL B 190 13.14 -0.62 17.45
C VAL B 190 12.85 -1.95 18.14
N ASN B 191 12.12 -2.82 17.44
CA ASN B 191 11.71 -4.11 17.97
C ASN B 191 11.85 -5.17 16.87
N LYS B 192 11.53 -6.42 17.24
CA LYS B 192 11.77 -7.56 16.36
C LYS B 192 11.18 -7.38 14.97
N PHE B 193 10.04 -6.70 14.88
CA PHE B 193 9.38 -6.57 13.58
C PHE B 193 10.11 -5.59 12.66
N ASN B 194 10.62 -4.48 13.21
CA ASN B 194 11.14 -3.40 12.38
C ASN B 194 12.65 -3.21 12.48
N HIS B 195 13.38 -4.10 13.15
CA HIS B 195 14.80 -3.84 13.37
C HIS B 195 15.66 -4.04 12.12
N LEU B 196 15.12 -4.59 11.04
CA LEU B 196 15.86 -4.77 9.80
C LEU B 196 15.54 -3.73 8.75
N GLU B 197 14.63 -2.80 9.05
CA GLU B 197 14.11 -1.85 8.07
C GLU B 197 15.12 -0.75 7.75
N ASP B 198 14.96 -0.18 6.56
CA ASP B 198 15.72 0.98 6.09
C ASP B 198 14.77 2.16 5.98
N MET B 199 14.75 3.01 7.00
CA MET B 199 13.83 4.13 7.09
C MET B 199 14.43 5.43 6.58
N ASN B 200 15.55 5.36 5.86
CA ASN B 200 16.27 6.55 5.46
C ASN B 200 15.47 7.40 4.47
N ASP B 201 15.01 6.78 3.38
CA ASP B 201 14.37 7.54 2.30
C ASP B 201 13.20 8.39 2.78
N HIS B 202 12.40 7.86 3.71
CA HIS B 202 11.29 8.65 4.23
C HIS B 202 11.77 9.79 5.12
N LEU B 203 12.80 9.55 5.93
CA LEU B 203 13.25 10.55 6.88
C LEU B 203 13.99 11.71 6.22
N ASN B 204 14.44 11.55 4.97
CA ASN B 204 14.99 12.68 4.24
C ASN B 204 13.88 13.61 3.76
N ALA B 205 12.81 13.04 3.19
CA ALA B 205 11.67 13.85 2.78
C ALA B 205 10.91 14.37 3.99
N LEU B 206 10.75 13.54 5.02
CA LEU B 206 9.96 13.92 6.19
C LEU B 206 10.73 14.89 7.07
N GLN B 207 12.02 14.61 7.30
CA GLN B 207 13.01 15.57 7.79
C GLN B 207 12.65 16.16 9.16
N PRO B 208 12.64 15.34 10.21
CA PRO B 208 12.42 15.88 11.55
C PRO B 208 13.70 16.41 12.18
N PHE B 209 13.53 17.38 13.08
CA PHE B 209 14.67 17.92 13.83
C PHE B 209 15.15 16.98 14.92
N ARG B 210 14.32 16.05 15.36
CA ARG B 210 14.63 15.14 16.45
C ARG B 210 14.01 13.79 16.11
N TRP B 211 14.81 12.72 16.16
CA TRP B 211 14.31 11.39 15.82
C TRP B 211 14.82 10.42 16.88
N LYS B 212 13.99 10.11 17.87
CA LYS B 212 14.39 9.19 18.92
C LYS B 212 14.16 7.75 18.48
N CYS B 213 15.12 6.88 18.78
CA CYS B 213 15.03 5.46 18.48
C CYS B 213 15.16 4.69 19.79
N PHE B 214 14.03 4.17 20.27
CA PHE B 214 14.00 3.43 21.52
C PHE B 214 14.21 1.95 21.26
N GLN B 215 15.18 1.36 21.94
CA GLN B 215 15.22 -0.10 22.08
C GLN B 215 14.13 -0.51 23.06
N VAL B 216 13.29 -1.46 22.65
CA VAL B 216 12.18 -1.94 23.48
C VAL B 216 12.63 -2.14 24.92
N LEU B 217 11.87 -1.57 25.85
CA LEU B 217 12.18 -1.63 27.26
C LEU B 217 11.21 -2.57 27.95
N ILE B 218 11.71 -3.22 28.99
CA ILE B 218 10.93 -4.19 29.76
C ILE B 218 10.64 -3.64 31.15
N VAL B 219 9.66 -2.74 31.23
CA VAL B 219 9.28 -2.12 32.49
C VAL B 219 8.54 -3.14 33.33
N THR B 220 9.08 -3.42 34.52
CA THR B 220 8.49 -4.42 35.40
C THR B 220 7.22 -3.88 36.05
N GLY B 221 6.10 -4.59 35.85
CA GLY B 221 4.81 -4.15 36.31
C GLY B 221 3.85 -3.80 35.18
N GLU B 222 4.38 -3.48 34.00
CA GLU B 222 3.57 -3.02 32.88
C GLU B 222 3.48 -4.05 31.75
N ASN B 223 4.61 -4.65 31.37
CA ASN B 223 4.66 -5.50 30.18
C ASN B 223 5.69 -6.61 30.37
N ASP B 224 5.74 -7.18 31.57
CA ASP B 224 6.78 -8.16 31.90
C ASP B 224 6.29 -9.57 32.20
N SER B 225 4.99 -9.84 32.08
CA SER B 225 4.49 -11.18 32.36
C SER B 225 3.12 -11.34 31.72
N ASP B 226 2.59 -12.57 31.77
CA ASP B 226 1.24 -12.84 31.30
C ASP B 226 0.19 -12.23 32.22
N LYS B 227 0.52 -11.98 33.49
CA LYS B 227 -0.39 -11.30 34.40
C LYS B 227 -0.71 -9.89 33.93
N THR B 228 0.26 -9.20 33.34
CA THR B 228 0.10 -7.80 33.00
C THR B 228 -0.74 -7.63 31.74
N LEU B 229 -1.07 -6.37 31.44
CA LEU B 229 -1.88 -6.04 30.27
C LEU B 229 -1.17 -6.40 28.98
N ARG B 230 0.15 -6.35 28.96
CA ARG B 230 0.94 -6.63 27.76
C ARG B 230 2.08 -7.57 28.13
N ASN B 231 2.80 -8.02 27.11
CA ASN B 231 4.02 -8.81 27.29
C ASN B 231 4.93 -8.56 26.11
N ALA B 232 6.08 -7.91 26.35
CA ALA B 232 6.98 -7.49 25.29
C ALA B 232 8.21 -8.38 25.14
N HIS B 233 8.32 -9.46 25.92
CA HIS B 233 9.53 -10.28 25.88
C HIS B 233 9.75 -10.91 24.51
N SER B 234 8.67 -11.21 23.78
CA SER B 234 8.82 -11.77 22.45
C SER B 234 9.42 -10.78 21.47
N LEU B 235 9.18 -9.48 21.68
CA LEU B 235 9.65 -8.44 20.77
C LEU B 235 11.05 -7.92 21.12
N THR B 236 11.70 -8.49 22.13
CA THR B 236 13.04 -8.09 22.51
C THR B 236 14.03 -8.29 21.37
N ILE B 237 14.98 -7.36 21.26
CA ILE B 237 16.10 -7.51 20.34
C ILE B 237 17.39 -7.24 21.11
N SER B 238 18.50 -7.80 20.59
CA SER B 238 19.79 -7.73 21.26
C SER B 238 20.47 -6.39 20.99
N ASP B 239 21.62 -6.20 21.64
CA ASP B 239 22.39 -4.97 21.43
C ASP B 239 22.84 -4.84 19.98
N ASP B 240 23.30 -5.94 19.39
CA ASP B 240 23.80 -5.87 18.01
C ASP B 240 22.67 -5.67 17.02
N GLU B 241 21.50 -6.29 17.27
CA GLU B 241 20.35 -6.05 16.42
C GLU B 241 19.92 -4.59 16.47
N PHE B 242 19.93 -3.98 17.66
CA PHE B 242 19.63 -2.55 17.76
C PHE B 242 20.74 -1.70 17.16
N ASP B 243 22.00 -2.05 17.42
CA ASP B 243 23.11 -1.27 16.89
C ASP B 243 23.19 -1.36 15.38
N ARG B 244 22.86 -2.53 14.80
CA ARG B 244 22.72 -2.64 13.36
C ARG B 244 21.74 -1.60 12.82
N PHE B 245 20.64 -1.38 13.53
CA PHE B 245 19.63 -0.41 13.09
C PHE B 245 20.24 0.99 13.06
N CYS B 246 20.97 1.37 14.11
CA CYS B 246 21.55 2.71 14.18
C CYS B 246 22.64 2.91 13.13
N GLU B 247 23.44 1.87 12.86
CA GLU B 247 24.48 1.96 11.85
C GLU B 247 23.89 2.19 10.45
N ARG B 248 22.71 1.62 10.20
CA ARG B 248 22.07 1.80 8.90
C ARG B 248 21.59 3.22 8.70
N HIS B 249 21.25 3.93 9.77
CA HIS B 249 20.78 5.31 9.68
C HIS B 249 21.83 6.31 10.15
N SER B 250 23.11 6.01 9.90
CA SER B 250 24.17 6.96 10.22
C SER B 250 24.09 8.23 9.38
N SER B 251 23.43 8.17 8.22
CA SER B 251 23.21 9.35 7.40
C SER B 251 22.31 10.37 8.08
N GLN B 252 21.54 9.97 9.09
CA GLN B 252 20.60 10.84 9.77
C GLN B 252 21.31 11.60 10.88
N THR B 253 21.41 12.92 10.73
CA THR B 253 22.05 13.73 11.76
C THR B 253 21.22 13.80 13.03
N CYS B 254 19.89 13.80 12.89
CA CYS B 254 18.99 13.91 14.04
C CYS B 254 18.94 12.64 14.87
N LEU B 255 19.44 11.51 14.35
CA LEU B 255 19.35 10.23 15.05
C LEU B 255 19.92 10.31 16.45
N VAL B 256 19.09 10.00 17.45
CA VAL B 256 19.50 9.94 18.84
C VAL B 256 19.11 8.59 19.44
N PRO B 257 20.03 7.64 19.49
CA PRO B 257 19.70 6.31 20.00
C PRO B 257 19.51 6.29 21.50
N GLU B 258 18.69 5.35 21.96
CA GLU B 258 18.46 5.12 23.39
C GLU B 258 18.43 3.62 23.67
N PRO B 259 19.58 3.02 24.01
CA PRO B 259 19.58 1.63 24.46
C PRO B 259 18.84 1.42 25.78
N ASN B 260 18.81 0.19 26.28
CA ASN B 260 18.22 -0.04 27.60
C ASN B 260 19.12 0.47 28.71
N ARG B 261 20.40 0.72 28.45
CA ARG B 261 21.26 1.38 29.41
C ARG B 261 20.71 2.76 29.77
N LEU B 262 20.33 3.54 28.77
CA LEU B 262 20.04 4.96 28.96
C LEU B 262 18.56 5.25 29.13
N MET B 263 17.67 4.36 28.67
CA MET B 263 16.24 4.62 28.75
C MET B 263 15.61 4.16 30.07
N ALA B 264 16.18 3.15 30.71
CA ALA B 264 15.52 2.49 31.83
C ALA B 264 15.13 3.46 32.93
N LYS B 265 16.10 4.17 33.50
CA LYS B 265 15.87 4.94 34.72
C LYS B 265 16.26 6.40 34.56
N SER B 266 16.06 6.97 33.37
CA SER B 266 16.50 8.34 33.09
C SER B 266 15.35 9.31 32.87
N TYR B 267 14.11 8.92 33.13
CA TYR B 267 12.96 9.78 32.90
C TYR B 267 12.29 10.15 34.22
N LEU B 268 11.70 11.34 34.23
CA LEU B 268 10.87 11.80 35.34
C LEU B 268 9.42 11.59 34.92
N ILE B 269 8.82 10.51 35.40
CA ILE B 269 7.50 10.07 34.98
C ILE B 269 6.50 10.46 36.05
N LEU B 270 5.41 11.09 35.64
CA LEU B 270 4.32 11.50 36.53
C LEU B 270 3.10 10.64 36.26
N ASP B 271 2.57 10.03 37.32
CA ASP B 271 1.33 9.28 37.23
C ASP B 271 0.17 10.19 36.85
N GLU B 272 -0.93 9.57 36.43
CA GLU B 272 -2.21 10.27 36.35
C GLU B 272 -2.60 10.87 37.70
N TYR B 273 -2.12 10.29 38.80
CA TYR B 273 -2.32 10.84 40.12
C TYR B 273 -1.23 11.84 40.51
N MET B 274 -0.36 12.22 39.57
CA MET B 274 0.71 13.19 39.80
C MET B 274 1.64 12.72 40.92
N ARG B 275 2.19 11.52 40.75
CA ARG B 275 3.22 11.00 41.62
C ARG B 275 4.33 10.42 40.77
N PHE B 276 5.57 10.68 41.18
CA PHE B 276 6.71 10.20 40.41
C PHE B 276 6.80 8.68 40.48
N LEU B 277 7.13 8.07 39.35
CA LEU B 277 7.24 6.62 39.24
C LEU B 277 8.71 6.24 39.25
N ASP B 278 9.08 5.39 40.21
CA ASP B 278 10.44 4.87 40.27
C ASP B 278 10.58 3.69 39.32
N ARG B 279 11.62 3.73 38.47
CA ARG B 279 11.90 2.66 37.53
C ARG B 279 13.10 1.82 37.97
N ASN B 280 13.43 1.88 39.26
CA ASN B 280 14.48 1.03 39.82
C ASN B 280 13.92 -0.21 40.50
N GLY B 281 12.68 -0.16 40.99
CA GLY B 281 12.09 -1.29 41.68
C GLY B 281 11.02 -0.91 42.67
N GLN B 282 11.19 0.24 43.33
CA GLN B 282 10.32 0.63 44.43
C GLN B 282 8.97 1.16 43.94
N GLN B 283 8.02 1.18 44.85
CA GLN B 283 6.66 1.62 44.55
C GLN B 283 6.62 3.13 44.37
N PRO B 284 5.56 3.66 43.75
CA PRO B 284 5.55 5.09 43.42
C PRO B 284 5.52 5.96 44.67
N SER B 285 5.95 7.21 44.48
CA SER B 285 5.98 8.19 45.56
C SER B 285 4.57 8.63 45.91
N LYS B 286 4.46 9.48 46.94
CA LYS B 286 3.19 10.09 47.23
C LYS B 286 2.96 11.27 46.28
N SER B 287 1.71 11.71 46.18
CA SER B 287 1.37 12.76 45.22
C SER B 287 2.09 14.06 45.59
N ILE B 288 2.57 14.77 44.55
CA ILE B 288 3.15 16.08 44.77
C ILE B 288 2.08 17.09 45.18
N LEU B 289 0.81 16.76 44.97
CA LEU B 289 -0.27 17.62 45.43
C LEU B 289 -0.44 17.53 46.95
N GLU B 290 -0.33 16.32 47.51
CA GLU B 290 -0.54 16.11 48.93
C GLU B 290 0.73 16.21 49.76
N VAL B 291 1.91 16.00 49.16
CA VAL B 291 3.16 16.01 49.92
C VAL B 291 4.13 17.08 49.43
N GLY B 292 4.04 17.54 48.19
CA GLY B 292 4.99 18.50 47.67
C GLY B 292 6.07 17.83 46.82
N VAL B 293 6.77 18.67 46.06
CA VAL B 293 7.66 18.16 45.00
C VAL B 293 8.90 17.50 45.60
N GLN B 294 9.53 18.16 46.57
CA GLN B 294 10.80 17.67 47.08
C GLN B 294 10.66 16.27 47.69
N GLN B 295 9.68 16.10 48.58
CA GLN B 295 9.49 14.81 49.24
C GLN B 295 9.18 13.71 48.24
N ALA B 296 8.44 14.04 47.18
CA ALA B 296 8.09 13.02 46.19
C ALA B 296 9.30 12.60 45.37
N LEU B 297 10.12 13.57 44.95
CA LEU B 297 11.26 13.25 44.09
C LEU B 297 12.29 12.39 44.81
N GLN B 298 12.54 12.67 46.09
CA GLN B 298 13.55 11.89 46.81
C GLN B 298 13.11 10.44 47.03
N ALA B 299 11.80 10.18 46.98
CA ALA B 299 11.27 8.82 47.01
C ALA B 299 11.47 8.06 45.69
N VAL B 300 12.19 8.66 44.73
CA VAL B 300 12.39 8.09 43.40
C VAL B 300 13.85 8.25 43.01
N PHE B 301 14.39 7.24 42.33
CA PHE B 301 15.71 7.31 41.74
C PHE B 301 15.59 7.90 40.34
N TRP B 302 16.39 8.94 40.06
CA TRP B 302 16.45 9.54 38.73
C TRP B 302 17.91 9.65 38.34
N ASP B 303 18.29 8.92 37.29
CA ASP B 303 19.67 8.86 36.82
C ASP B 303 19.93 10.07 35.93
N GLU B 304 20.49 11.12 36.55
CA GLU B 304 20.80 12.34 35.79
C GLU B 304 21.96 12.15 34.83
N GLU B 305 22.77 11.11 35.01
CA GLU B 305 23.90 10.89 34.12
C GLU B 305 23.44 10.35 32.77
N ALA B 306 22.55 9.36 32.78
CA ALA B 306 21.95 8.89 31.53
C ALA B 306 21.07 9.98 30.90
N PHE B 307 20.45 10.81 31.74
CA PHE B 307 19.64 11.92 31.23
C PHE B 307 20.47 12.82 30.32
N VAL B 308 21.67 13.21 30.77
CA VAL B 308 22.51 14.08 29.95
C VAL B 308 23.17 13.31 28.80
N GLU B 309 23.50 12.04 29.01
CA GLU B 309 24.18 11.27 27.97
C GLU B 309 23.27 11.02 26.78
N ARG B 310 22.01 10.67 27.04
CA ARG B 310 21.05 10.40 25.96
C ARG B 310 20.51 11.66 25.32
N GLY B 311 21.00 12.84 25.71
CA GLY B 311 20.56 14.08 25.11
C GLY B 311 19.29 14.64 25.72
N GLY B 312 19.15 14.54 27.05
CA GLY B 312 17.93 15.01 27.68
C GLY B 312 17.79 16.51 27.69
N ILE B 313 18.91 17.22 27.78
CA ILE B 313 18.94 18.67 27.62
C ILE B 313 19.35 18.97 26.19
N TYR B 314 18.59 19.81 25.51
CA TYR B 314 18.88 20.16 24.12
C TYR B 314 18.17 21.47 23.79
N ASP B 315 18.21 21.84 22.52
CA ASP B 315 17.55 23.06 22.03
C ASP B 315 16.06 22.78 21.91
N TRP B 316 15.37 22.77 23.06
CA TRP B 316 13.96 22.38 23.07
C TRP B 316 13.01 23.55 22.84
N ASN B 317 13.51 24.79 22.86
CA ASN B 317 12.63 25.93 22.65
C ASN B 317 12.38 26.15 21.16
N LYS B 318 11.37 26.98 20.89
CA LYS B 318 10.97 27.29 19.51
C LYS B 318 11.90 28.28 18.82
N SER B 319 12.88 28.83 19.53
CA SER B 319 13.89 29.72 18.97
C SER B 319 15.25 29.03 18.95
N SER B 320 16.18 29.66 18.24
CA SER B 320 17.57 29.21 18.13
C SER B 320 17.68 27.89 17.37
N GLN C 40 -17.84 35.94 -18.64
CA GLN C 40 -17.56 34.52 -18.45
C GLN C 40 -16.88 34.28 -17.10
N VAL C 41 -17.18 33.14 -16.47
CA VAL C 41 -16.67 32.81 -15.15
C VAL C 41 -15.78 31.59 -15.30
N PRO C 42 -14.48 31.67 -15.00
CA PRO C 42 -13.57 30.53 -15.25
C PRO C 42 -13.69 29.43 -14.19
N VAL C 43 -14.66 28.55 -14.39
CA VAL C 43 -14.96 27.52 -13.39
C VAL C 43 -13.84 26.48 -13.37
N SER C 44 -13.49 25.94 -14.54
CA SER C 44 -12.45 24.94 -14.68
C SER C 44 -11.33 25.53 -15.52
N VAL C 45 -10.12 25.59 -14.94
CA VAL C 45 -8.99 26.23 -15.58
C VAL C 45 -7.89 25.19 -15.75
N ASN C 46 -7.25 25.22 -16.92
CA ASN C 46 -6.14 24.32 -17.23
C ASN C 46 -4.86 25.15 -17.28
N TYR C 47 -4.01 25.00 -16.27
CA TYR C 47 -2.77 25.76 -16.17
C TYR C 47 -1.64 24.92 -16.74
N HIS C 48 -1.29 25.17 -18.00
CA HIS C 48 -0.17 24.50 -18.65
C HIS C 48 1.14 25.19 -18.25
N PHE C 49 1.56 24.94 -17.01
CA PHE C 49 2.63 25.72 -16.41
C PHE C 49 3.99 25.48 -17.05
N SER C 50 4.20 24.33 -17.71
CA SER C 50 5.40 24.13 -18.49
C SER C 50 5.08 23.40 -19.79
N ARG C 51 5.89 23.66 -20.81
CA ARG C 51 5.81 22.93 -22.07
C ARG C 51 6.82 21.80 -22.17
N LYS C 52 7.71 21.68 -21.19
CA LYS C 52 8.82 20.74 -21.23
C LYS C 52 8.31 19.30 -21.02
N CYS C 53 8.97 18.35 -21.69
CA CYS C 53 8.52 16.97 -21.63
C CYS C 53 9.68 16.01 -21.89
N ASN C 54 9.46 14.75 -21.50
CA ASN C 54 10.42 13.67 -21.69
C ASN C 54 9.97 12.64 -22.71
N LYS C 55 8.78 12.82 -23.29
CA LYS C 55 8.29 11.95 -24.35
C LYS C 55 8.30 12.70 -25.67
N GLU C 56 8.07 11.96 -26.75
CA GLU C 56 8.03 12.52 -28.11
C GLU C 56 6.86 11.94 -28.90
N CYS C 57 5.65 12.21 -28.44
CA CYS C 57 4.45 11.84 -29.19
C CYS C 57 4.32 12.69 -30.45
N LEU C 58 4.13 12.03 -31.59
CA LEU C 58 4.10 12.72 -32.89
C LEU C 58 2.94 13.70 -33.00
N PHE C 59 1.86 13.51 -32.25
CA PHE C 59 0.66 14.34 -32.37
C PHE C 59 0.57 15.46 -31.35
N CYS C 60 1.62 15.66 -30.55
CA CYS C 60 1.62 16.65 -29.46
C CYS C 60 1.17 18.03 -29.93
N PHE C 61 0.15 18.59 -29.27
CA PHE C 61 -0.30 19.94 -29.54
C PHE C 61 0.04 20.92 -28.42
N HIS C 62 1.03 20.59 -27.58
CA HIS C 62 1.57 21.56 -26.61
C HIS C 62 3.08 21.32 -26.55
N THR C 63 3.75 21.62 -27.65
CA THR C 63 5.15 21.27 -27.84
C THR C 63 6.05 22.17 -27.00
N ALA C 64 7.30 21.72 -26.82
CA ALA C 64 8.28 22.45 -26.02
C ALA C 64 8.86 23.60 -26.85
N THR C 65 8.03 24.60 -27.09
CA THR C 65 8.46 25.80 -27.78
C THR C 65 9.23 26.73 -26.84
N THR C 66 9.01 26.61 -25.54
CA THR C 66 9.71 27.39 -24.55
C THR C 66 9.88 26.53 -23.31
N SER C 67 10.89 26.87 -22.50
CA SER C 67 11.15 26.14 -21.25
C SER C 67 10.95 27.02 -20.03
N HIS C 68 10.18 28.09 -20.14
CA HIS C 68 9.91 28.97 -19.02
C HIS C 68 8.89 28.35 -18.08
N VAL C 69 9.14 28.50 -16.78
CA VAL C 69 8.18 28.13 -15.74
C VAL C 69 8.12 29.28 -14.73
N GLU C 70 6.94 29.55 -14.21
CA GLU C 70 6.72 30.73 -13.38
C GLU C 70 7.34 30.59 -12.01
N LYS C 71 7.65 31.73 -11.40
CA LYS C 71 8.12 31.75 -10.02
C LYS C 71 6.99 31.26 -9.09
N PRO C 72 7.33 30.51 -8.04
CA PRO C 72 6.28 30.06 -7.12
C PRO C 72 5.57 31.20 -6.42
N GLU C 73 6.18 32.39 -6.32
CA GLU C 73 5.46 33.56 -5.83
C GLU C 73 4.44 34.06 -6.84
N ASN C 74 4.83 34.15 -8.12
CA ASN C 74 3.90 34.65 -9.13
C ASN C 74 2.84 33.62 -9.47
N ALA C 75 3.16 32.33 -9.38
CA ALA C 75 2.15 31.31 -9.61
C ALA C 75 1.08 31.36 -8.53
N LYS C 76 1.48 31.67 -7.29
CA LYS C 76 0.49 31.85 -6.23
C LYS C 76 -0.31 33.14 -6.41
N ARG C 77 0.28 34.15 -7.06
CA ARG C 77 -0.49 35.34 -7.43
C ARG C 77 -1.64 34.99 -8.36
N GLY C 78 -1.34 34.40 -9.51
CA GLY C 78 -2.36 34.14 -10.51
C GLY C 78 -3.44 33.19 -10.03
N LEU C 79 -3.05 32.14 -9.31
CA LEU C 79 -4.02 31.15 -8.85
C LEU C 79 -4.96 31.74 -7.81
N THR C 80 -4.47 32.60 -6.93
CA THR C 80 -5.36 33.28 -5.99
C THR C 80 -6.25 34.28 -6.70
N LEU C 81 -5.70 35.03 -7.65
CA LEU C 81 -6.50 35.98 -8.44
C LEU C 81 -7.61 35.25 -9.18
N LEU C 82 -7.35 34.02 -9.64
CA LEU C 82 -8.31 33.23 -10.38
C LEU C 82 -9.33 32.54 -9.47
N LYS C 83 -8.96 32.29 -8.21
CA LYS C 83 -9.89 31.70 -7.25
C LYS C 83 -11.09 32.61 -6.99
N GLN C 84 -10.84 33.89 -6.71
CA GLN C 84 -11.94 34.81 -6.46
C GLN C 84 -12.79 35.05 -7.70
N ALA C 85 -12.20 34.88 -8.89
CA ALA C 85 -12.95 35.04 -10.13
C ALA C 85 -14.02 33.98 -10.31
N GLY C 86 -13.94 32.85 -9.60
CA GLY C 86 -14.94 31.82 -9.71
C GLY C 86 -14.39 30.44 -9.94
N MET C 87 -13.07 30.31 -9.99
CA MET C 87 -12.45 29.02 -10.23
C MET C 87 -12.80 28.03 -9.12
N LYS C 88 -13.25 26.85 -9.51
CA LYS C 88 -13.48 25.76 -8.56
C LYS C 88 -12.62 24.54 -8.83
N LYS C 89 -12.33 24.22 -10.09
CA LYS C 89 -11.42 23.14 -10.44
C LYS C 89 -10.20 23.70 -11.15
N ILE C 90 -9.02 23.26 -10.72
CA ILE C 90 -7.76 23.55 -11.41
C ILE C 90 -7.24 22.25 -11.98
N ASN C 91 -6.71 22.31 -13.19
CA ASN C 91 -6.08 21.16 -13.83
C ASN C 91 -4.65 21.52 -14.19
N PHE C 92 -3.70 20.84 -13.56
CA PHE C 92 -2.28 21.07 -13.81
C PHE C 92 -1.84 20.20 -14.97
N ALA C 93 -1.70 20.80 -16.15
CA ALA C 93 -1.28 20.08 -17.33
C ALA C 93 0.00 20.72 -17.88
N GLY C 94 0.17 20.68 -19.21
CA GLY C 94 1.29 21.34 -19.83
C GLY C 94 2.03 20.43 -20.79
N GLY C 95 3.34 20.36 -20.63
CA GLY C 95 4.10 19.23 -21.13
C GLY C 95 3.96 18.09 -20.14
N GLU C 96 5.00 17.83 -19.36
CA GLU C 96 4.93 16.82 -18.30
C GLU C 96 5.03 17.52 -16.95
N PRO C 97 4.01 17.44 -16.10
CA PRO C 97 4.02 18.22 -14.85
C PRO C 97 4.92 17.62 -13.79
N PHE C 98 5.13 16.30 -13.83
CA PHE C 98 5.99 15.64 -12.86
C PHE C 98 7.47 15.82 -13.14
N LEU C 99 7.82 16.52 -14.23
CA LEU C 99 9.20 16.97 -14.41
C LEU C 99 9.59 18.01 -13.37
N TYR C 100 8.61 18.70 -12.79
CA TYR C 100 8.82 19.71 -11.75
C TYR C 100 8.07 19.32 -10.50
N PRO C 101 8.47 18.23 -9.83
CA PRO C 101 7.69 17.75 -8.68
C PRO C 101 7.72 18.68 -7.48
N LYS C 102 8.76 19.51 -7.35
CA LYS C 102 8.78 20.49 -6.27
C LYS C 102 7.78 21.61 -6.53
N PHE C 103 7.80 22.17 -7.74
CA PHE C 103 6.81 23.18 -8.13
C PHE C 103 5.40 22.61 -8.03
N LEU C 104 5.16 21.48 -8.70
CA LEU C 104 3.85 20.84 -8.66
C LEU C 104 3.39 20.58 -7.23
N GLY C 105 4.31 20.14 -6.36
CA GLY C 105 3.94 19.87 -4.98
C GLY C 105 3.52 21.12 -4.24
N GLU C 106 4.21 22.24 -4.48
CA GLU C 106 3.85 23.49 -3.83
C GLU C 106 2.48 23.99 -4.28
N MET C 107 2.18 23.85 -5.58
CA MET C 107 0.96 24.43 -6.12
C MET C 107 -0.28 23.69 -5.65
N ILE C 108 -0.30 22.37 -5.81
CA ILE C 108 -1.50 21.60 -5.45
C ILE C 108 -1.74 21.65 -3.95
N ASP C 109 -0.69 21.82 -3.15
CA ASP C 109 -0.88 22.08 -1.73
C ASP C 109 -1.50 23.45 -1.51
N PHE C 110 -1.04 24.45 -2.25
CA PHE C 110 -1.58 25.80 -2.13
C PHE C 110 -3.04 25.84 -2.59
N CYS C 111 -3.35 25.19 -3.72
CA CYS C 111 -4.70 25.24 -4.25
C CYS C 111 -5.72 24.65 -3.27
N LYS C 112 -5.34 23.58 -2.58
CA LYS C 112 -6.26 22.90 -1.66
C LYS C 112 -6.25 23.53 -0.28
N GLU C 113 -5.08 23.56 0.37
CA GLU C 113 -5.02 23.92 1.79
C GLU C 113 -5.42 25.37 2.04
N THR C 114 -4.82 26.31 1.30
CA THR C 114 -5.08 27.72 1.56
C THR C 114 -6.16 28.32 0.67
N LEU C 115 -6.27 27.90 -0.59
CA LEU C 115 -7.31 28.41 -1.48
C LEU C 115 -8.65 27.72 -1.32
N GLN C 116 -8.70 26.57 -0.65
CA GLN C 116 -9.95 25.84 -0.42
C GLN C 116 -10.67 25.55 -1.74
N LEU C 117 -9.90 25.09 -2.73
CA LEU C 117 -10.44 24.89 -4.07
C LEU C 117 -11.21 23.57 -4.14
N GLU C 118 -12.27 23.57 -4.95
CA GLU C 118 -13.17 22.43 -5.01
C GLU C 118 -12.45 21.17 -5.49
N SER C 119 -11.67 21.27 -6.56
CA SER C 119 -11.05 20.09 -7.17
C SER C 119 -9.70 20.43 -7.77
N VAL C 120 -8.68 19.63 -7.43
CA VAL C 120 -7.36 19.74 -8.02
C VAL C 120 -7.11 18.50 -8.87
N SER C 121 -6.83 18.70 -10.16
CA SER C 121 -6.54 17.61 -11.08
C SER C 121 -5.11 17.71 -11.59
N ILE C 122 -4.60 16.58 -12.08
CA ILE C 122 -3.30 16.51 -12.76
C ILE C 122 -3.42 15.55 -13.94
N VAL C 123 -2.78 15.90 -15.06
CA VAL C 123 -2.73 15.05 -16.24
C VAL C 123 -1.27 14.69 -16.48
N THR C 124 -0.98 13.39 -16.50
CA THR C 124 0.38 12.88 -16.58
C THR C 124 0.45 11.78 -17.64
N ASN C 125 1.66 11.57 -18.19
CA ASN C 125 1.91 10.38 -18.99
C ASN C 125 2.19 9.15 -18.14
N GLY C 126 2.54 9.34 -16.87
CA GLY C 126 2.67 8.26 -15.92
C GLY C 126 4.10 7.86 -15.61
N SER C 127 5.06 8.24 -16.46
CA SER C 127 6.43 7.77 -16.31
C SER C 127 7.02 8.18 -14.97
N LEU C 128 6.86 9.45 -14.60
CA LEU C 128 7.56 10.01 -13.45
C LEU C 128 6.75 10.02 -12.16
N VAL C 129 5.54 9.46 -12.16
CA VAL C 129 4.74 9.43 -10.94
C VAL C 129 5.35 8.42 -9.98
N LYS C 130 5.49 8.81 -8.72
CA LYS C 130 6.08 7.95 -7.70
C LYS C 130 5.21 7.97 -6.45
N GLU C 131 5.26 6.86 -5.69
CA GLU C 131 4.38 6.69 -4.56
C GLU C 131 4.67 7.70 -3.45
N GLN C 132 5.94 8.00 -3.21
CA GLN C 132 6.29 8.95 -2.16
C GLN C 132 5.67 10.31 -2.39
N PHE C 133 5.45 10.68 -3.66
CA PHE C 133 4.78 11.93 -3.99
C PHE C 133 3.30 11.86 -3.58
N LEU C 134 2.64 10.75 -3.90
CA LEU C 134 1.23 10.60 -3.55
C LEU C 134 1.00 10.40 -2.07
N GLN C 135 2.02 9.95 -1.32
CA GLN C 135 1.93 10.03 0.13
C GLN C 135 2.03 11.48 0.59
N LYS C 136 3.01 12.20 0.06
CA LYS C 136 3.25 13.59 0.46
C LYS C 136 2.05 14.47 0.15
N HIS C 137 1.58 14.45 -1.11
CA HIS C 137 0.58 15.39 -1.59
C HIS C 137 -0.78 14.78 -1.90
N GLY C 138 -0.92 13.45 -1.83
CA GLY C 138 -2.15 12.81 -2.26
C GLY C 138 -3.38 13.24 -1.49
N ARG C 139 -3.19 13.68 -0.24
CA ARG C 139 -4.29 14.27 0.52
C ARG C 139 -4.94 15.45 -0.20
N ASN C 140 -4.19 16.15 -1.04
CA ASN C 140 -4.68 17.34 -1.73
C ASN C 140 -4.94 17.12 -3.21
N ILE C 141 -4.68 15.92 -3.74
CA ILE C 141 -5.01 15.59 -5.11
C ILE C 141 -6.37 14.94 -5.15
N ASP C 142 -7.25 15.45 -6.01
CA ASP C 142 -8.60 14.91 -6.16
C ASP C 142 -8.74 13.99 -7.38
N ILE C 143 -8.10 14.33 -8.49
CA ILE C 143 -8.15 13.53 -9.71
C ILE C 143 -6.74 13.42 -10.29
N LEU C 144 -6.32 12.19 -10.61
CA LEU C 144 -5.07 11.94 -11.32
C LEU C 144 -5.40 11.34 -12.67
N ALA C 145 -4.90 11.95 -13.74
CA ALA C 145 -5.22 11.57 -15.11
C ALA C 145 -3.97 11.03 -15.80
N VAL C 146 -3.88 9.73 -15.96
CA VAL C 146 -2.80 9.10 -16.71
C VAL C 146 -3.25 8.88 -18.14
N SER C 147 -2.45 9.36 -19.09
CA SER C 147 -2.74 9.21 -20.51
C SER C 147 -1.86 8.13 -21.12
N CYS C 148 -2.48 7.07 -21.60
CA CYS C 148 -1.80 6.03 -22.37
C CYS C 148 -2.55 5.83 -23.67
N ASP C 149 -1.82 5.77 -24.78
CA ASP C 149 -2.46 5.72 -26.09
C ASP C 149 -2.67 4.31 -26.60
N SER C 150 -1.95 3.33 -26.06
CA SER C 150 -2.17 1.93 -26.45
C SER C 150 -1.65 1.03 -25.34
N PHE C 151 -2.06 -0.24 -25.39
CA PHE C 151 -1.49 -1.28 -24.53
C PHE C 151 -0.51 -2.18 -25.25
N ASN C 152 -0.36 -2.02 -26.56
CA ASN C 152 0.73 -2.66 -27.28
C ASN C 152 1.98 -1.79 -27.16
N GLU C 153 3.09 -2.39 -26.72
CA GLU C 153 4.34 -1.65 -26.71
C GLU C 153 4.81 -1.33 -28.13
N ALA C 154 4.41 -2.15 -29.11
CA ALA C 154 4.74 -1.88 -30.50
C ALA C 154 4.06 -0.60 -30.97
N THR C 155 2.79 -0.41 -30.61
CA THR C 155 2.06 0.79 -31.02
C THR C 155 2.63 2.04 -30.35
N ASN C 156 2.93 1.96 -29.05
CA ASN C 156 3.50 3.09 -28.33
C ASN C 156 4.79 3.57 -28.99
N ILE C 157 5.60 2.65 -29.53
CA ILE C 157 6.82 3.02 -30.23
C ILE C 157 6.48 3.88 -31.45
N LYS C 158 5.49 3.45 -32.22
CA LYS C 158 5.08 4.20 -33.40
C LYS C 158 4.55 5.59 -33.01
N ILE C 159 3.84 5.68 -31.89
CA ILE C 159 3.29 6.96 -31.44
C ILE C 159 4.36 7.84 -30.82
N GLY C 160 5.27 7.26 -30.01
CA GLY C 160 6.32 8.07 -29.43
C GLY C 160 6.53 7.91 -27.93
N ARG C 161 6.16 6.77 -27.37
CA ARG C 161 6.42 6.45 -25.97
C ARG C 161 7.27 5.20 -25.94
N GLY C 162 8.53 5.35 -25.50
CA GLY C 162 9.52 4.32 -25.72
C GLY C 162 9.23 3.03 -24.98
N SER C 163 8.87 3.14 -23.69
CA SER C 163 8.68 1.96 -22.83
C SER C 163 9.94 1.12 -22.73
N ASN C 166 6.12 1.14 -19.42
CA ASN C 166 5.13 0.32 -20.10
C ASN C 166 3.72 0.51 -19.53
N VAL C 167 2.95 -0.57 -19.49
CA VAL C 167 1.60 -0.52 -18.94
C VAL C 167 1.54 -0.91 -17.47
N GLN C 168 2.53 -1.64 -16.96
CA GLN C 168 2.60 -1.93 -15.53
C GLN C 168 2.55 -0.65 -14.71
N LYS C 169 3.16 0.44 -15.21
CA LYS C 169 3.09 1.72 -14.54
C LYS C 169 1.66 2.19 -14.34
N LEU C 170 0.85 2.09 -15.40
CA LEU C 170 -0.55 2.51 -15.32
C LEU C 170 -1.34 1.69 -14.31
N TYR C 171 -1.21 0.37 -14.36
CA TYR C 171 -1.90 -0.47 -13.39
C TYR C 171 -1.41 -0.18 -11.97
N GLU C 172 -0.13 0.20 -11.83
CA GLU C 172 0.40 0.58 -10.54
C GLU C 172 -0.23 1.87 -10.03
N ILE C 173 -0.31 2.88 -10.91
CA ILE C 173 -0.87 4.17 -10.53
C ILE C 173 -2.32 4.03 -10.12
N GLY C 174 -3.08 3.19 -10.83
CA GLY C 174 -4.45 2.91 -10.40
C GLY C 174 -4.51 2.34 -9.00
N SER C 175 -3.60 1.40 -8.70
CA SER C 175 -3.53 0.85 -7.34
C SER C 175 -3.23 1.94 -6.33
N TRP C 176 -2.28 2.83 -6.65
CA TRP C 176 -1.94 3.92 -5.73
C TRP C 176 -3.14 4.83 -5.49
N CYS C 177 -3.87 5.20 -6.54
CA CYS C 177 -5.00 6.12 -6.40
C CYS C 177 -6.05 5.57 -5.44
N GLN C 178 -6.32 4.27 -5.49
CA GLN C 178 -7.24 3.67 -4.53
C GLN C 178 -6.73 3.84 -3.10
N LYS C 179 -5.43 3.63 -2.90
CA LYS C 179 -4.86 3.71 -1.55
C LYS C 179 -4.94 5.12 -0.98
N TYR C 180 -4.68 6.14 -1.81
CA TYR C 180 -4.57 7.51 -1.33
C TYR C 180 -5.79 8.35 -1.67
N ASP C 181 -6.94 7.70 -1.91
CA ASP C 181 -8.24 8.36 -2.01
C ASP C 181 -8.33 9.30 -3.20
N ILE C 182 -7.54 9.07 -4.25
CA ILE C 182 -7.54 9.88 -5.45
C ILE C 182 -8.43 9.23 -6.49
N LYS C 183 -9.14 10.04 -7.26
CA LYS C 183 -9.97 9.53 -8.36
C LYS C 183 -9.10 9.28 -9.59
N PHE C 184 -9.22 8.09 -10.16
CA PHE C 184 -8.33 7.60 -11.20
C PHE C 184 -9.06 7.64 -12.54
N LYS C 185 -8.51 8.39 -13.50
CA LYS C 185 -9.11 8.49 -14.82
C LYS C 185 -8.05 8.27 -15.90
N LEU C 186 -8.50 7.83 -17.06
CA LEU C 186 -7.66 7.62 -18.23
C LEU C 186 -7.99 8.65 -19.31
N ASN C 187 -6.97 9.02 -20.08
CA ASN C 187 -7.12 9.88 -21.24
C ASN C 187 -6.40 9.20 -22.41
N THR C 188 -7.16 8.61 -23.32
CA THR C 188 -6.59 7.94 -24.48
C THR C 188 -6.92 8.73 -25.74
N VAL C 189 -5.96 8.73 -26.68
CA VAL C 189 -6.12 9.40 -27.95
C VAL C 189 -6.37 8.35 -29.03
N VAL C 190 -7.49 8.48 -29.73
CA VAL C 190 -7.84 7.55 -30.80
C VAL C 190 -7.24 8.10 -32.09
N ASN C 191 -6.25 7.40 -32.63
CA ASN C 191 -5.55 7.83 -33.83
C ASN C 191 -5.34 6.63 -34.74
N LYS C 192 -4.74 6.88 -35.91
CA LYS C 192 -4.63 5.88 -36.96
C LYS C 192 -4.00 4.58 -36.48
N PHE C 193 -3.06 4.65 -35.54
CA PHE C 193 -2.36 3.43 -35.11
C PHE C 193 -3.26 2.55 -34.24
N ASN C 194 -4.03 3.15 -33.32
CA ASN C 194 -4.73 2.38 -32.28
C ASN C 194 -6.25 2.37 -32.43
N HIS C 195 -6.80 2.86 -33.54
CA HIS C 195 -8.25 2.95 -33.64
C HIS C 195 -8.91 1.60 -33.83
N LEU C 196 -8.15 0.53 -34.05
CA LEU C 196 -8.69 -0.82 -34.21
C LEU C 196 -8.57 -1.67 -32.96
N GLU C 197 -7.99 -1.15 -31.89
CA GLU C 197 -7.71 -1.98 -30.72
C GLU C 197 -8.99 -2.27 -29.93
N ASP C 198 -8.97 -3.39 -29.21
CA ASP C 198 -10.04 -3.78 -28.31
C ASP C 198 -9.50 -3.69 -26.89
N MET C 199 -9.78 -2.57 -26.23
CA MET C 199 -9.23 -2.25 -24.92
C MET C 199 -10.17 -2.60 -23.77
N ASN C 200 -11.18 -3.43 -24.03
CA ASN C 200 -12.21 -3.72 -23.03
C ASN C 200 -11.62 -4.45 -21.83
N ASP C 201 -10.90 -5.56 -22.08
CA ASP C 201 -10.39 -6.39 -20.99
C ASP C 201 -9.55 -5.61 -20.00
N HIS C 202 -8.74 -4.67 -20.48
CA HIS C 202 -7.91 -3.89 -19.57
C HIS C 202 -8.75 -2.94 -18.72
N LEU C 203 -9.75 -2.29 -19.32
CA LEU C 203 -10.52 -1.30 -18.59
C LEU C 203 -11.50 -1.91 -17.61
N ASN C 204 -11.76 -3.22 -17.71
CA ASN C 204 -12.53 -3.90 -16.67
C ASN C 204 -11.68 -4.08 -15.42
N ALA C 205 -10.44 -4.54 -15.58
CA ALA C 205 -9.52 -4.67 -14.46
C ALA C 205 -9.02 -3.30 -14.00
N LEU C 206 -8.73 -2.40 -14.94
CA LEU C 206 -8.13 -1.12 -14.59
C LEU C 206 -9.16 -0.19 -13.95
N GLN C 207 -10.37 -0.15 -14.49
CA GLN C 207 -11.56 0.36 -13.82
C GLN C 207 -11.47 1.82 -13.41
N PRO C 208 -11.35 2.76 -14.36
CA PRO C 208 -11.39 4.18 -14.00
C PRO C 208 -12.81 4.71 -13.94
N PHE C 209 -12.99 5.75 -13.12
CA PHE C 209 -14.29 6.41 -13.05
C PHE C 209 -14.58 7.29 -14.26
N ARG C 210 -13.55 7.68 -15.02
CA ARG C 210 -13.67 8.58 -16.14
C ARG C 210 -12.69 8.14 -17.21
N TRP C 211 -13.19 7.93 -18.44
CA TRP C 211 -12.34 7.46 -19.53
C TRP C 211 -12.60 8.31 -20.77
N LYS C 212 -11.74 9.30 -21.00
CA LYS C 212 -11.84 10.21 -22.13
C LYS C 212 -11.16 9.63 -23.35
N CYS C 213 -11.79 9.77 -24.51
CA CYS C 213 -11.24 9.33 -25.79
C CYS C 213 -11.17 10.52 -26.72
N PHE C 214 -9.96 11.03 -26.96
CA PHE C 214 -9.76 12.20 -27.80
C PHE C 214 -9.56 11.78 -29.26
N GLN C 215 -10.36 12.36 -30.14
CA GLN C 215 -10.01 12.37 -31.56
C GLN C 215 -8.92 13.41 -31.78
N VAL C 216 -7.81 12.98 -32.39
CA VAL C 216 -6.64 13.82 -32.63
C VAL C 216 -7.05 15.20 -33.10
N LEU C 217 -6.48 16.24 -32.48
CA LEU C 217 -6.79 17.62 -32.78
C LEU C 217 -5.63 18.26 -33.53
N ILE C 218 -5.98 19.19 -34.42
CA ILE C 218 -5.00 19.89 -35.24
C ILE C 218 -4.91 21.37 -34.89
N VAL C 219 -4.22 21.67 -33.79
CA VAL C 219 -4.08 23.04 -33.32
C VAL C 219 -3.11 23.78 -34.22
N THR C 220 -3.58 24.87 -34.83
CA THR C 220 -2.77 25.64 -35.75
C THR C 220 -1.72 26.44 -34.98
N GLY C 221 -0.45 26.24 -35.33
CA GLY C 221 0.66 26.78 -34.60
C GLY C 221 1.50 25.74 -33.91
N GLU C 222 0.93 24.58 -33.62
CA GLU C 222 1.60 23.52 -32.85
C GLU C 222 1.96 22.31 -33.71
N ASN C 223 1.04 21.82 -34.54
CA ASN C 223 1.26 20.54 -35.21
C ASN C 223 0.56 20.52 -36.59
N ASP C 224 0.64 21.62 -37.33
CA ASP C 224 -0.06 21.70 -38.60
C ASP C 224 0.84 21.86 -39.82
N SER C 225 2.17 21.83 -39.64
CA SER C 225 3.09 21.98 -40.77
C SER C 225 4.46 21.46 -40.36
N ASP C 226 5.37 21.38 -41.34
CA ASP C 226 6.74 21.01 -41.08
C ASP C 226 7.51 22.07 -40.31
N LYS C 227 7.07 23.34 -40.40
CA LYS C 227 7.72 24.41 -39.64
C LYS C 227 7.61 24.18 -38.14
N THR C 228 6.48 23.63 -37.68
CA THR C 228 6.24 23.51 -36.25
C THR C 228 7.03 22.33 -35.66
N LEU C 229 6.98 22.23 -34.34
CA LEU C 229 7.71 21.18 -33.63
C LEU C 229 7.21 19.79 -33.99
N ARG C 230 5.93 19.65 -34.33
CA ARG C 230 5.32 18.36 -34.65
C ARG C 230 4.51 18.48 -35.93
N ASN C 231 3.99 17.33 -36.38
CA ASN C 231 3.07 17.28 -37.52
C ASN C 231 2.17 16.07 -37.33
N ALA C 232 0.88 16.32 -37.08
CA ALA C 232 -0.07 15.27 -36.73
C ALA C 232 -1.03 14.91 -37.86
N HIS C 233 -0.92 15.52 -39.04
CA HIS C 233 -1.90 15.30 -40.10
C HIS C 233 -1.94 13.84 -40.57
N SER C 234 -0.81 13.13 -40.50
CA SER C 234 -0.79 11.74 -40.92
C SER C 234 -1.64 10.85 -40.00
N LEU C 235 -1.77 11.23 -38.72
CA LEU C 235 -2.48 10.44 -37.73
C LEU C 235 -3.98 10.75 -37.68
N THR C 236 -4.48 11.61 -38.56
CA THR C 236 -5.89 11.94 -38.60
C THR C 236 -6.73 10.71 -38.90
N ILE C 237 -7.91 10.64 -38.26
CA ILE C 237 -8.91 9.61 -38.57
C ILE C 237 -10.25 10.29 -38.78
N SER C 238 -11.11 9.60 -39.53
CA SER C 238 -12.40 10.15 -39.92
C SER C 238 -13.41 10.03 -38.77
N ASP C 239 -14.59 10.59 -39.00
CA ASP C 239 -15.66 10.51 -38.02
C ASP C 239 -16.10 9.07 -37.76
N ASP C 240 -16.28 8.30 -38.83
CA ASP C 240 -16.71 6.91 -38.66
C ASP C 240 -15.61 6.03 -38.10
N GLU C 241 -14.35 6.30 -38.47
CA GLU C 241 -13.24 5.57 -37.87
C GLU C 241 -13.21 5.78 -36.36
N PHE C 242 -13.47 7.01 -35.91
CA PHE C 242 -13.56 7.29 -34.49
C PHE C 242 -14.81 6.64 -33.89
N ASP C 243 -15.94 6.71 -34.60
CA ASP C 243 -17.19 6.16 -34.08
C ASP C 243 -17.13 4.64 -33.95
N ARG C 244 -16.44 3.97 -34.88
CA ARG C 244 -16.19 2.54 -34.74
C ARG C 244 -15.53 2.22 -33.40
N PHE C 245 -14.56 3.04 -33.00
CA PHE C 245 -13.87 2.83 -31.74
C PHE C 245 -14.82 2.96 -30.55
N CYS C 246 -15.61 4.03 -30.51
CA CYS C 246 -16.49 4.27 -29.36
C CYS C 246 -17.61 3.25 -29.27
N GLU C 247 -18.22 2.90 -30.41
CA GLU C 247 -19.27 1.89 -30.39
C GLU C 247 -18.73 0.52 -30.02
N ARG C 248 -17.46 0.24 -30.33
CA ARG C 248 -16.86 -1.04 -29.96
C ARG C 248 -16.70 -1.17 -28.45
N HIS C 249 -16.54 -0.06 -27.74
CA HIS C 249 -16.43 -0.04 -26.29
C HIS C 249 -17.68 0.50 -25.63
N SER C 250 -18.86 0.21 -26.21
CA SER C 250 -20.10 0.63 -25.58
C SER C 250 -20.35 -0.08 -24.25
N SER C 251 -19.69 -1.22 -24.02
CA SER C 251 -19.77 -1.92 -22.74
C SER C 251 -19.18 -1.11 -21.59
N GLN C 252 -18.35 -0.11 -21.87
CA GLN C 252 -17.69 0.66 -20.82
C GLN C 252 -18.58 1.83 -20.42
N THR C 253 -19.04 1.82 -19.16
CA THR C 253 -19.92 2.87 -18.66
C THR C 253 -19.21 4.23 -18.54
N CYS C 254 -17.93 4.23 -18.18
CA CYS C 254 -17.20 5.48 -17.98
C CYS C 254 -16.87 6.20 -19.29
N LEU C 255 -17.01 5.54 -20.43
CA LEU C 255 -16.63 6.11 -21.72
C LEU C 255 -17.28 7.47 -21.99
N VAL C 256 -16.44 8.48 -22.22
CA VAL C 256 -16.90 9.80 -22.61
C VAL C 256 -16.17 10.23 -23.88
N PRO C 257 -16.78 10.05 -25.05
CA PRO C 257 -16.09 10.40 -26.30
C PRO C 257 -15.94 11.91 -26.47
N GLU C 258 -14.89 12.31 -27.19
CA GLU C 258 -14.66 13.71 -27.52
C GLU C 258 -14.15 13.85 -28.94
N PRO C 259 -15.07 14.04 -29.91
CA PRO C 259 -14.63 14.38 -31.28
C PRO C 259 -14.03 15.77 -31.37
N ASN C 260 -13.66 16.21 -32.58
CA ASN C 260 -13.18 17.58 -32.76
C ASN C 260 -14.28 18.61 -32.63
N ARG C 261 -15.55 18.19 -32.66
CA ARG C 261 -16.65 19.11 -32.37
C ARG C 261 -16.46 19.78 -31.02
N LEU C 262 -16.15 18.98 -30.00
CA LEU C 262 -16.21 19.42 -28.61
C LEU C 262 -14.85 19.80 -28.01
N MET C 263 -13.74 19.33 -28.59
CA MET C 263 -12.42 19.56 -28.00
C MET C 263 -11.77 20.86 -28.44
N ALA C 264 -12.08 21.34 -29.64
CA ALA C 264 -11.31 22.42 -30.26
C ALA C 264 -11.24 23.65 -29.36
N LYS C 265 -12.38 24.25 -29.05
CA LYS C 265 -12.44 25.57 -28.43
C LYS C 265 -13.26 25.56 -27.14
N SER C 266 -13.19 24.49 -26.37
CA SER C 266 -14.01 24.34 -25.16
C SER C 266 -13.18 24.36 -23.89
N TYR C 267 -11.89 24.67 -23.96
CA TYR C 267 -11.01 24.66 -22.80
C TYR C 267 -10.53 26.07 -22.49
N LEU C 268 -10.30 26.33 -21.20
CA LEU C 268 -9.63 27.55 -20.74
C LEU C 268 -8.18 27.18 -20.47
N ILE C 269 -7.30 27.52 -21.40
CA ILE C 269 -5.91 27.08 -21.36
C ILE C 269 -5.05 28.23 -20.86
N LEU C 270 -4.18 27.94 -19.90
CA LEU C 270 -3.25 28.94 -19.36
C LEU C 270 -1.83 28.62 -19.80
N ASP C 271 -1.16 29.60 -20.40
CA ASP C 271 0.24 29.49 -20.75
C ASP C 271 1.10 29.33 -19.49
N GLU C 272 2.36 28.92 -19.72
CA GLU C 272 3.38 29.00 -18.67
C GLU C 272 3.54 30.42 -18.14
N TYR C 273 3.24 31.43 -18.96
CA TYR C 273 3.22 32.82 -18.52
C TYR C 273 1.86 33.25 -17.98
N MET C 274 0.94 32.32 -17.74
CA MET C 274 -0.37 32.60 -17.16
C MET C 274 -1.18 33.58 -18.01
N ARG C 275 -1.37 33.22 -19.28
CA ARG C 275 -2.25 33.95 -20.16
C ARG C 275 -3.15 32.99 -20.91
N PHE C 276 -4.42 33.35 -21.05
CA PHE C 276 -5.37 32.49 -21.74
C PHE C 276 -5.01 32.39 -23.22
N LEU C 277 -5.15 31.18 -23.76
CA LEU C 277 -4.83 30.92 -25.16
C LEU C 277 -6.12 30.83 -25.97
N ASP C 278 -6.22 31.64 -27.01
CA ASP C 278 -7.35 31.56 -27.91
C ASP C 278 -7.16 30.42 -28.89
N ARG C 279 -8.15 29.53 -28.96
CA ARG C 279 -8.11 28.41 -29.89
C ARG C 279 -9.09 28.61 -31.04
N ASN C 280 -9.52 29.85 -31.25
CA ASN C 280 -10.37 30.23 -32.37
C ASN C 280 -9.57 30.81 -33.54
N GLY C 281 -8.40 31.38 -33.26
CA GLY C 281 -7.60 31.99 -34.31
C GLY C 281 -6.68 33.10 -33.83
N GLN C 282 -7.14 33.84 -32.82
CA GLN C 282 -6.45 35.04 -32.36
C GLN C 282 -5.24 34.71 -31.48
N GLN C 283 -4.39 35.73 -31.31
CA GLN C 283 -3.18 35.62 -30.53
C GLN C 283 -3.52 35.52 -29.04
N PRO C 284 -2.59 35.03 -28.21
CA PRO C 284 -2.92 34.86 -26.80
C PRO C 284 -3.09 36.20 -26.10
N SER C 285 -3.84 36.19 -25.01
CA SER C 285 -4.10 37.39 -24.25
C SER C 285 -2.84 37.80 -23.48
N LYS C 286 -2.94 38.94 -22.81
CA LYS C 286 -1.89 39.37 -21.89
C LYS C 286 -2.01 38.63 -20.57
N SER C 287 -0.93 38.64 -19.79
CA SER C 287 -0.89 37.88 -18.55
C SER C 287 -1.93 38.38 -17.56
N ILE C 288 -2.56 37.45 -16.84
CA ILE C 288 -3.49 37.80 -15.78
C ILE C 288 -2.77 38.42 -14.57
N LEU C 289 -1.45 38.29 -14.51
CA LEU C 289 -0.71 38.96 -13.45
C LEU C 289 -0.65 40.46 -13.67
N GLU C 290 -0.48 40.88 -14.92
CA GLU C 290 -0.37 42.30 -15.25
C GLU C 290 -1.70 42.95 -15.64
N VAL C 291 -2.70 42.18 -16.06
CA VAL C 291 -3.95 42.76 -16.54
C VAL C 291 -5.18 42.36 -15.72
N GLY C 292 -5.16 41.23 -15.04
CA GLY C 292 -6.32 40.77 -14.29
C GLY C 292 -7.17 39.77 -15.05
N VAL C 293 -8.02 39.07 -14.29
CA VAL C 293 -8.71 37.90 -14.83
C VAL C 293 -9.79 38.32 -15.82
N GLN C 294 -10.64 39.28 -15.44
CA GLN C 294 -11.78 39.65 -16.28
C GLN C 294 -11.31 40.16 -17.64
N GLN C 295 -10.36 41.10 -17.64
CA GLN C 295 -9.85 41.65 -18.89
C GLN C 295 -9.22 40.58 -19.76
N ALA C 296 -8.56 39.59 -19.16
CA ALA C 296 -7.91 38.53 -19.95
C ALA C 296 -8.94 37.63 -20.61
N LEU C 297 -10.01 37.27 -19.90
CA LEU C 297 -10.97 36.31 -20.43
C LEU C 297 -11.69 36.85 -21.66
N GLN C 298 -12.01 38.14 -21.66
CA GLN C 298 -12.74 38.71 -22.80
C GLN C 298 -11.90 38.75 -24.07
N ALA C 299 -10.57 38.75 -23.95
CA ALA C 299 -9.71 38.66 -25.13
C ALA C 299 -9.66 37.25 -25.73
N VAL C 300 -10.44 36.30 -25.22
CA VAL C 300 -10.36 34.93 -25.68
C VAL C 300 -11.78 34.39 -25.87
N PHE C 301 -11.97 33.59 -26.92
CA PHE C 301 -13.21 32.88 -27.14
C PHE C 301 -13.20 31.56 -26.37
N TRP C 302 -14.24 31.33 -25.57
CA TRP C 302 -14.43 30.08 -24.85
C TRP C 302 -15.87 29.64 -25.06
N ASP C 303 -16.03 28.52 -25.75
CA ASP C 303 -17.37 28.02 -26.08
C ASP C 303 -17.88 27.24 -24.86
N GLU C 304 -18.68 27.92 -24.03
CA GLU C 304 -19.22 27.31 -22.82
C GLU C 304 -20.26 26.23 -23.13
N GLU C 305 -20.79 26.23 -24.35
CA GLU C 305 -21.82 25.28 -24.76
C GLU C 305 -21.23 23.89 -25.00
N ALA C 306 -20.11 23.81 -25.73
CA ALA C 306 -19.41 22.54 -25.90
C ALA C 306 -18.82 22.06 -24.57
N PHE C 307 -18.44 22.98 -23.68
CA PHE C 307 -17.91 22.62 -22.37
C PHE C 307 -18.88 21.74 -21.59
N VAL C 308 -20.17 22.11 -21.57
CA VAL C 308 -21.16 21.33 -20.83
C VAL C 308 -21.51 20.05 -21.56
N GLU C 309 -21.48 20.06 -22.90
CA GLU C 309 -21.86 18.88 -23.67
C GLU C 309 -20.88 17.74 -23.49
N ARG C 310 -19.57 18.03 -23.48
CA ARG C 310 -18.57 16.99 -23.32
C ARG C 310 -18.38 16.56 -21.87
N GLY C 311 -19.17 17.10 -20.94
CA GLY C 311 -19.06 16.73 -19.55
C GLY C 311 -17.99 17.49 -18.79
N GLY C 312 -17.84 18.78 -19.09
CA GLY C 312 -16.81 19.57 -18.43
C GLY C 312 -17.10 19.80 -16.97
N ILE C 313 -18.38 19.93 -16.62
CA ILE C 313 -18.83 19.96 -15.23
C ILE C 313 -19.33 18.58 -14.86
N TYR C 314 -18.82 18.05 -13.75
CA TYR C 314 -19.22 16.73 -13.28
C TYR C 314 -18.88 16.63 -11.79
N ASP C 315 -19.00 15.43 -11.23
CA ASP C 315 -18.70 15.18 -9.83
C ASP C 315 -17.18 15.14 -9.67
N TRP C 316 -16.57 16.33 -9.66
CA TRP C 316 -15.13 16.45 -9.64
C TRP C 316 -14.54 16.45 -8.23
N ASN C 317 -15.37 16.55 -7.20
CA ASN C 317 -14.85 16.56 -5.83
C ASN C 317 -14.52 15.14 -5.38
N LYS C 318 -13.75 15.04 -4.31
CA LYS C 318 -13.34 13.75 -3.76
C LYS C 318 -14.43 13.05 -2.96
N SER C 319 -15.57 13.70 -2.73
CA SER C 319 -16.71 13.11 -2.07
C SER C 319 -17.87 12.95 -3.05
N SER C 320 -18.87 12.17 -2.62
CA SER C 320 -20.09 11.94 -3.40
C SER C 320 -19.79 11.20 -4.71
#